data_2LO0
#
_entry.id   2LO0
#
_entity_poly.entity_id   1
_entity_poly.type   'polypeptide(L)'
_entity_poly.pdbx_seq_one_letter_code
;SVDVAVSAGAGERASAEQKESYEPPKPAVGPSGESVVATEAFWDDLQGFLEQRLKDYDEANKLRVLFKEAWRSSF
;
_entity_poly.pdbx_strand_id   A,B
#
# COMPACT_ATOMS: atom_id res chain seq x y z
N PRO A 31 8.04 14.67 8.32
CA PRO A 31 7.41 14.29 7.04
C PRO A 31 5.92 14.55 7.07
N SER A 32 5.42 15.25 6.06
CA SER A 32 3.98 15.47 5.92
C SER A 32 3.30 14.26 5.29
N GLY A 33 4.07 13.44 4.59
CA GLY A 33 3.53 12.25 3.98
C GLY A 33 3.44 12.34 2.48
N GLU A 34 4.58 12.38 1.81
CA GLU A 34 4.61 12.50 0.36
C GLU A 34 6.01 12.21 -0.16
N SER A 35 6.99 12.95 0.36
CA SER A 35 8.37 12.81 -0.07
C SER A 35 8.88 11.40 0.21
N VAL A 36 8.45 10.82 1.33
CA VAL A 36 8.83 9.46 1.67
C VAL A 36 8.11 8.47 0.75
N VAL A 37 6.88 8.80 0.38
CA VAL A 37 6.12 7.94 -0.51
C VAL A 37 6.72 7.97 -1.92
N ALA A 38 7.50 8.99 -2.17
CA ALA A 38 8.15 9.16 -3.45
C ALA A 38 9.47 8.40 -3.51
N THR A 39 9.73 7.54 -2.53
CA THR A 39 11.00 6.85 -2.45
C THR A 39 10.84 5.38 -2.79
N GLU A 40 11.87 4.85 -3.43
CA GLU A 40 11.92 3.45 -3.77
C GLU A 40 11.97 2.60 -2.50
N ALA A 41 12.60 3.16 -1.47
CA ALA A 41 12.66 2.52 -0.16
C ALA A 41 11.26 2.32 0.43
N PHE A 42 10.40 3.31 0.26
CA PHE A 42 9.04 3.23 0.76
C PHE A 42 8.30 2.08 0.08
N TRP A 43 8.38 2.06 -1.23
CA TRP A 43 7.69 1.04 -2.01
C TRP A 43 8.30 -0.35 -1.80
N ASP A 44 9.59 -0.40 -1.51
CA ASP A 44 10.25 -1.67 -1.22
C ASP A 44 9.71 -2.25 0.08
N ASP A 45 9.64 -1.43 1.12
CA ASP A 45 9.10 -1.86 2.40
C ASP A 45 7.60 -2.10 2.31
N LEU A 46 6.94 -1.30 1.49
CA LEU A 46 5.52 -1.47 1.22
C LEU A 46 5.26 -2.86 0.64
N GLN A 47 6.06 -3.25 -0.34
CA GLN A 47 5.96 -4.58 -0.91
C GLN A 47 6.39 -5.62 0.11
N GLY A 48 7.32 -5.26 0.98
CA GLY A 48 7.74 -6.14 2.05
C GLY A 48 6.57 -6.51 2.95
N PHE A 49 5.75 -5.51 3.26
CA PHE A 49 4.56 -5.71 4.07
C PHE A 49 3.58 -6.58 3.33
N LEU A 50 3.46 -6.32 2.02
CA LEU A 50 2.57 -7.08 1.16
C LEU A 50 3.00 -8.53 1.09
N GLU A 51 4.30 -8.76 1.07
CA GLU A 51 4.83 -10.12 1.03
C GLU A 51 4.53 -10.84 2.34
N GLN A 52 4.69 -10.15 3.45
CA GLN A 52 4.41 -10.71 4.77
C GLN A 52 2.96 -11.19 4.86
N ARG A 53 2.04 -10.36 4.41
CA ARG A 53 0.61 -10.66 4.55
C ARG A 53 0.10 -11.59 3.45
N LEU A 54 0.55 -11.38 2.23
CA LEU A 54 0.02 -12.10 1.07
C LEU A 54 0.75 -13.42 0.85
N LYS A 55 1.97 -13.51 1.38
CA LYS A 55 2.81 -14.68 1.23
C LYS A 55 3.10 -14.96 -0.24
N ASP A 56 3.34 -13.89 -1.01
CA ASP A 56 3.58 -14.03 -2.45
C ASP A 56 4.33 -12.81 -2.97
N TYR A 57 5.53 -13.06 -3.47
CA TYR A 57 6.41 -12.00 -3.96
C TYR A 57 5.83 -11.32 -5.21
N ASP A 58 5.33 -12.13 -6.13
CA ASP A 58 4.87 -11.60 -7.41
C ASP A 58 3.60 -10.78 -7.23
N GLU A 59 2.70 -11.25 -6.39
CA GLU A 59 1.45 -10.55 -6.15
C GLU A 59 1.73 -9.25 -5.41
N ALA A 60 2.65 -9.31 -4.47
CA ALA A 60 3.05 -8.14 -3.69
C ALA A 60 3.69 -7.11 -4.61
N ASN A 61 4.38 -7.62 -5.62
CA ASN A 61 5.04 -6.78 -6.61
C ASN A 61 3.99 -6.09 -7.48
N LYS A 62 2.98 -6.85 -7.91
CA LYS A 62 1.88 -6.29 -8.69
C LYS A 62 1.22 -5.15 -7.95
N LEU A 63 1.02 -5.34 -6.66
CA LEU A 63 0.34 -4.36 -5.85
C LEU A 63 1.24 -3.16 -5.61
N ARG A 64 2.54 -3.40 -5.47
CA ARG A 64 3.51 -2.32 -5.32
C ARG A 64 3.43 -1.37 -6.51
N VAL A 65 3.32 -1.95 -7.70
CA VAL A 65 3.26 -1.15 -8.93
C VAL A 65 1.93 -0.44 -9.02
N LEU A 66 0.87 -1.21 -8.81
CA LEU A 66 -0.50 -0.71 -8.89
C LEU A 66 -0.72 0.45 -7.94
N PHE A 67 -0.32 0.26 -6.70
CA PHE A 67 -0.48 1.28 -5.68
C PHE A 67 0.38 2.49 -5.98
N LYS A 68 1.58 2.27 -6.51
CA LYS A 68 2.46 3.36 -6.86
C LYS A 68 1.88 4.19 -8.00
N GLU A 69 1.19 3.53 -8.92
CA GLU A 69 0.59 4.21 -10.06
C GLU A 69 -0.65 4.96 -9.62
N ALA A 70 -1.32 4.42 -8.61
CA ALA A 70 -2.46 5.08 -8.01
C ALA A 70 -2.01 6.34 -7.29
N TRP A 71 -0.89 6.21 -6.58
CA TRP A 71 -0.27 7.33 -5.91
C TRP A 71 0.18 8.38 -6.92
N ARG A 72 0.65 7.91 -8.07
CA ARG A 72 1.02 8.81 -9.15
C ARG A 72 -0.19 9.62 -9.62
N SER A 73 -1.35 8.97 -9.63
CA SER A 73 -2.58 9.62 -10.06
C SER A 73 -3.11 10.55 -8.97
N SER A 74 -2.51 10.49 -7.79
CA SER A 74 -2.89 11.35 -6.68
C SER A 74 -2.36 12.77 -6.91
N PHE A 75 -1.48 12.91 -7.87
CA PHE A 75 -0.92 14.22 -8.22
C PHE A 75 -1.79 14.89 -9.27
N PRO B 31 -2.00 -18.50 1.80
CA PRO B 31 -2.57 -17.35 1.07
C PRO B 31 -1.84 -17.12 -0.25
N SER B 32 -2.60 -17.04 -1.34
CA SER B 32 -2.03 -16.71 -2.64
C SER B 32 -1.80 -15.22 -2.78
N GLY B 33 -2.53 -14.44 -1.99
CA GLY B 33 -2.36 -12.99 -2.01
C GLY B 33 -3.54 -12.29 -2.64
N GLU B 34 -4.68 -12.32 -1.96
CA GLU B 34 -5.89 -11.68 -2.49
C GLU B 34 -6.95 -11.61 -1.39
N SER B 35 -7.27 -12.78 -0.83
CA SER B 35 -8.28 -12.87 0.21
C SER B 35 -7.90 -12.02 1.43
N VAL B 36 -6.61 -11.98 1.75
CA VAL B 36 -6.14 -11.16 2.84
C VAL B 36 -6.20 -9.68 2.47
N VAL B 37 -5.96 -9.39 1.20
CA VAL B 37 -6.01 -8.02 0.71
C VAL B 37 -7.44 -7.52 0.72
N ALA B 38 -8.36 -8.46 0.75
CA ALA B 38 -9.78 -8.13 0.75
C ALA B 38 -10.29 -7.89 2.16
N THR B 39 -9.38 -7.76 3.13
CA THR B 39 -9.78 -7.64 4.51
C THR B 39 -9.52 -6.22 5.01
N GLU B 40 -10.40 -5.78 5.89
CA GLU B 40 -10.28 -4.48 6.52
C GLU B 40 -9.03 -4.46 7.41
N ALA B 41 -8.71 -5.62 7.97
CA ALA B 41 -7.51 -5.78 8.78
C ALA B 41 -6.25 -5.49 7.97
N PHE B 42 -6.24 -5.94 6.72
CA PHE B 42 -5.10 -5.73 5.84
C PHE B 42 -4.90 -4.24 5.61
N TRP B 43 -5.97 -3.57 5.25
CA TRP B 43 -5.94 -2.15 4.95
C TRP B 43 -5.67 -1.32 6.21
N ASP B 44 -6.10 -1.82 7.35
CA ASP B 44 -5.82 -1.13 8.62
C ASP B 44 -4.34 -1.15 8.91
N ASP B 45 -3.72 -2.32 8.79
CA ASP B 45 -2.28 -2.46 9.01
C ASP B 45 -1.50 -1.76 7.90
N LEU B 46 -2.05 -1.79 6.69
CA LEU B 46 -1.47 -1.09 5.56
C LEU B 46 -1.37 0.40 5.86
N GLN B 47 -2.46 0.97 6.37
CA GLN B 47 -2.45 2.36 6.77
C GLN B 47 -1.55 2.56 7.97
N GLY B 48 -1.46 1.55 8.82
CA GLY B 48 -0.55 1.60 9.96
C GLY B 48 0.88 1.79 9.51
N PHE B 49 1.25 1.07 8.46
CA PHE B 49 2.59 1.19 7.88
C PHE B 49 2.77 2.57 7.28
N LEU B 50 1.71 3.05 6.63
CA LEU B 50 1.72 4.36 6.01
C LEU B 50 1.88 5.45 7.06
N GLU B 51 1.25 5.26 8.21
CA GLU B 51 1.35 6.20 9.30
C GLU B 51 2.78 6.23 9.86
N GLN B 52 3.36 5.04 10.02
CA GLN B 52 4.73 4.93 10.52
C GLN B 52 5.71 5.72 9.64
N ARG B 53 5.58 5.54 8.32
CA ARG B 53 6.53 6.14 7.39
C ARG B 53 6.20 7.61 7.09
N LEU B 54 4.92 7.91 6.92
CA LEU B 54 4.50 9.24 6.49
C LEU B 54 4.35 10.20 7.66
N LYS B 55 4.15 9.64 8.85
CA LYS B 55 3.94 10.41 10.06
C LYS B 55 2.70 11.29 9.95
N ASP B 56 1.65 10.74 9.34
CA ASP B 56 0.42 11.49 9.12
C ASP B 56 -0.75 10.55 8.93
N TYR B 57 -1.72 10.64 9.84
CA TYR B 57 -2.89 9.77 9.85
C TYR B 57 -3.78 10.02 8.64
N ASP B 58 -4.01 11.29 8.34
CA ASP B 58 -4.94 11.66 7.27
C ASP B 58 -4.40 11.28 5.91
N GLU B 59 -3.11 11.51 5.70
CA GLU B 59 -2.47 11.19 4.44
C GLU B 59 -2.41 9.68 4.25
N ALA B 60 -2.13 8.98 5.33
CA ALA B 60 -2.08 7.53 5.31
C ALA B 60 -3.45 6.97 5.01
N ASN B 61 -4.47 7.68 5.47
CA ASN B 61 -5.85 7.30 5.25
C ASN B 61 -6.21 7.49 3.77
N LYS B 62 -5.79 8.62 3.20
CA LYS B 62 -6.01 8.90 1.79
C LYS B 62 -5.42 7.80 0.93
N LEU B 63 -4.22 7.36 1.30
CA LEU B 63 -3.51 6.36 0.53
C LEU B 63 -4.15 5.00 0.72
N ARG B 64 -4.65 4.74 1.92
CA ARG B 64 -5.37 3.49 2.20
C ARG B 64 -6.56 3.34 1.27
N VAL B 65 -7.28 4.45 1.08
CA VAL B 65 -8.47 4.45 0.23
C VAL B 65 -8.05 4.32 -1.23
N LEU B 66 -7.10 5.16 -1.62
CA LEU B 66 -6.60 5.21 -2.98
C LEU B 66 -6.08 3.86 -3.43
N PHE B 67 -5.24 3.25 -2.60
CA PHE B 67 -4.65 1.96 -2.92
C PHE B 67 -5.71 0.88 -2.94
N LYS B 68 -6.69 0.98 -2.04
CA LYS B 68 -7.76 -0.01 -2.02
C LYS B 68 -8.62 0.07 -3.27
N GLU B 69 -8.79 1.27 -3.79
CA GLU B 69 -9.59 1.48 -4.99
C GLU B 69 -8.82 1.02 -6.21
N ALA B 70 -7.49 1.15 -6.13
CA ALA B 70 -6.62 0.66 -7.17
C ALA B 70 -6.67 -0.86 -7.21
N TRP B 71 -6.65 -1.45 -6.02
CA TRP B 71 -6.77 -2.89 -5.87
C TRP B 71 -8.13 -3.36 -6.37
N ARG B 72 -9.15 -2.54 -6.15
CA ARG B 72 -10.48 -2.83 -6.66
C ARG B 72 -10.46 -2.88 -8.19
N SER B 73 -9.67 -2.01 -8.79
CA SER B 73 -9.56 -1.95 -10.24
C SER B 73 -8.70 -3.09 -10.77
N SER B 74 -8.05 -3.81 -9.86
CA SER B 74 -7.23 -4.95 -10.23
C SER B 74 -8.11 -6.15 -10.59
N PHE B 75 -9.40 -6.04 -10.29
CA PHE B 75 -10.35 -7.08 -10.62
C PHE B 75 -10.96 -6.83 -12.00
N PRO A 31 9.74 12.94 7.47
CA PRO A 31 8.86 13.15 6.30
C PRO A 31 7.43 13.40 6.75
N SER A 32 6.74 14.29 6.06
CA SER A 32 5.37 14.62 6.39
C SER A 32 4.44 14.29 5.23
N GLY A 33 4.41 13.02 4.85
CA GLY A 33 3.50 12.58 3.83
C GLY A 33 4.19 12.15 2.55
N GLU A 34 4.05 12.95 1.50
CA GLU A 34 4.53 12.60 0.16
C GLU A 34 6.02 12.28 0.14
N SER A 35 6.81 13.10 0.83
CA SER A 35 8.27 12.98 0.85
C SER A 35 8.76 11.54 0.99
N VAL A 36 8.11 10.76 1.85
CA VAL A 36 8.55 9.38 2.06
C VAL A 36 7.90 8.44 1.05
N VAL A 37 6.68 8.77 0.63
CA VAL A 37 5.96 7.93 -0.32
C VAL A 37 6.64 7.98 -1.69
N ALA A 38 7.41 9.02 -1.91
CA ALA A 38 8.08 9.22 -3.19
C ALA A 38 9.42 8.48 -3.22
N THR A 39 9.66 7.62 -2.25
CA THR A 39 10.94 6.95 -2.17
C THR A 39 10.80 5.50 -2.59
N GLU A 40 11.85 4.98 -3.22
CA GLU A 40 11.88 3.60 -3.63
C GLU A 40 11.88 2.69 -2.40
N ALA A 41 12.50 3.19 -1.34
CA ALA A 41 12.52 2.50 -0.05
C ALA A 41 11.12 2.30 0.51
N PHE A 42 10.25 3.29 0.31
CA PHE A 42 8.87 3.21 0.79
C PHE A 42 8.16 2.05 0.10
N TRP A 43 8.24 2.04 -1.22
CA TRP A 43 7.59 1.03 -2.02
C TRP A 43 8.23 -0.34 -1.83
N ASP A 44 9.52 -0.35 -1.53
CA ASP A 44 10.23 -1.59 -1.27
C ASP A 44 9.71 -2.24 0.01
N ASP A 45 9.60 -1.45 1.07
CA ASP A 45 9.10 -1.95 2.34
C ASP A 45 7.60 -2.19 2.27
N LEU A 46 6.92 -1.38 1.48
CA LEU A 46 5.49 -1.56 1.23
C LEU A 46 5.26 -2.94 0.63
N GLN A 47 6.07 -3.29 -0.37
CA GLN A 47 6.00 -4.61 -0.97
C GLN A 47 6.41 -5.68 0.03
N GLY A 48 7.36 -5.33 0.90
CA GLY A 48 7.77 -6.25 1.95
C GLY A 48 6.63 -6.59 2.88
N PHE A 49 5.82 -5.60 3.21
CA PHE A 49 4.64 -5.81 4.05
C PHE A 49 3.64 -6.68 3.31
N LEU A 50 3.54 -6.45 2.01
CA LEU A 50 2.67 -7.22 1.14
C LEU A 50 3.15 -8.67 1.06
N GLU A 51 4.46 -8.87 1.11
CA GLU A 51 5.02 -10.22 1.14
C GLU A 51 4.63 -10.93 2.42
N GLN A 52 4.73 -10.22 3.54
CA GLN A 52 4.37 -10.77 4.83
C GLN A 52 2.91 -11.20 4.88
N ARG A 53 2.03 -10.35 4.40
CA ARG A 53 0.59 -10.60 4.47
C ARG A 53 0.12 -11.57 3.39
N LEU A 54 0.55 -11.33 2.15
CA LEU A 54 0.05 -12.07 0.99
C LEU A 54 0.76 -13.40 0.84
N LYS A 55 1.95 -13.49 1.41
CA LYS A 55 2.77 -14.69 1.34
C LYS A 55 3.12 -14.99 -0.11
N ASP A 56 3.32 -13.95 -0.90
CA ASP A 56 3.58 -14.11 -2.33
C ASP A 56 4.27 -12.87 -2.88
N TYR A 57 5.48 -13.08 -3.40
CA TYR A 57 6.32 -12.00 -3.90
C TYR A 57 5.73 -11.37 -5.15
N ASP A 58 5.14 -12.20 -6.01
CA ASP A 58 4.63 -11.75 -7.29
C ASP A 58 3.45 -10.81 -7.11
N GLU A 59 2.48 -11.23 -6.32
CA GLU A 59 1.27 -10.44 -6.07
C GLU A 59 1.64 -9.18 -5.29
N ALA A 60 2.63 -9.31 -4.42
CA ALA A 60 3.09 -8.19 -3.62
C ALA A 60 3.73 -7.13 -4.53
N ASN A 61 4.45 -7.61 -5.53
CA ASN A 61 5.11 -6.73 -6.48
C ASN A 61 4.07 -6.04 -7.35
N LYS A 62 3.08 -6.82 -7.78
CA LYS A 62 2.00 -6.31 -8.62
C LYS A 62 1.21 -5.24 -7.89
N LEU A 63 1.02 -5.42 -6.59
CA LEU A 63 0.30 -4.43 -5.80
C LEU A 63 1.17 -3.20 -5.58
N ARG A 64 2.46 -3.41 -5.41
CA ARG A 64 3.41 -2.30 -5.32
C ARG A 64 3.33 -1.40 -6.55
N VAL A 65 3.21 -2.03 -7.70
CA VAL A 65 3.14 -1.31 -8.97
C VAL A 65 1.80 -0.60 -9.08
N LEU A 66 0.74 -1.34 -8.80
CA LEU A 66 -0.62 -0.85 -8.91
C LEU A 66 -0.83 0.35 -7.98
N PHE A 67 -0.42 0.20 -6.74
CA PHE A 67 -0.58 1.24 -5.73
C PHE A 67 0.29 2.44 -6.08
N LYS A 68 1.49 2.19 -6.60
CA LYS A 68 2.39 3.28 -6.95
C LYS A 68 1.84 4.06 -8.14
N GLU A 69 1.16 3.38 -9.04
CA GLU A 69 0.57 4.03 -10.20
C GLU A 69 -0.67 4.82 -9.77
N ALA A 70 -1.34 4.31 -8.74
CA ALA A 70 -2.47 5.00 -8.15
C ALA A 70 -2.00 6.28 -7.49
N TRP A 71 -0.87 6.17 -6.81
CA TRP A 71 -0.25 7.31 -6.16
C TRP A 71 0.20 8.32 -7.21
N ARG A 72 0.72 7.82 -8.32
CA ARG A 72 1.12 8.68 -9.43
C ARG A 72 -0.08 9.39 -10.04
N SER A 73 -1.20 8.68 -10.16
CA SER A 73 -2.42 9.26 -10.71
C SER A 73 -3.08 10.21 -9.70
N SER A 74 -2.52 10.28 -8.51
CA SER A 74 -3.01 11.19 -7.50
C SER A 74 -2.47 12.60 -7.78
N PHE A 75 -1.47 12.68 -8.64
CA PHE A 75 -0.90 13.96 -9.02
C PHE A 75 -1.37 14.33 -10.41
N PRO B 31 -3.08 -17.17 3.74
CA PRO B 31 -3.62 -16.48 2.55
C PRO B 31 -2.59 -16.48 1.43
N SER B 32 -3.05 -16.66 0.21
CA SER B 32 -2.16 -16.68 -0.95
C SER B 32 -2.49 -15.55 -1.91
N GLY B 33 -2.41 -14.32 -1.42
CA GLY B 33 -2.61 -13.17 -2.26
C GLY B 33 -3.85 -12.38 -1.91
N GLU B 34 -4.86 -12.45 -2.78
CA GLU B 34 -6.08 -11.64 -2.66
C GLU B 34 -6.77 -11.82 -1.33
N SER B 35 -6.89 -13.08 -0.89
CA SER B 35 -7.60 -13.43 0.35
C SER B 35 -7.29 -12.48 1.51
N VAL B 36 -6.03 -12.09 1.67
CA VAL B 36 -5.69 -11.21 2.78
C VAL B 36 -5.87 -9.74 2.41
N VAL B 37 -5.67 -9.43 1.13
CA VAL B 37 -5.79 -8.06 0.66
C VAL B 37 -7.24 -7.61 0.72
N ALA B 38 -8.15 -8.57 0.74
CA ALA B 38 -9.57 -8.29 0.76
C ALA B 38 -10.08 -8.07 2.17
N THR B 39 -9.17 -7.93 3.13
CA THR B 39 -9.57 -7.82 4.52
C THR B 39 -9.39 -6.39 5.00
N GLU B 40 -10.27 -5.98 5.88
CA GLU B 40 -10.20 -4.65 6.47
C GLU B 40 -8.95 -4.54 7.33
N ALA B 41 -8.57 -5.67 7.92
CA ALA B 41 -7.35 -5.76 8.72
C ALA B 41 -6.11 -5.45 7.88
N PHE B 42 -6.11 -5.90 6.62
CA PHE B 42 -4.99 -5.66 5.74
C PHE B 42 -4.81 -4.17 5.51
N TRP B 43 -5.91 -3.53 5.15
CA TRP B 43 -5.89 -2.10 4.87
C TRP B 43 -5.67 -1.28 6.13
N ASP B 44 -6.09 -1.81 7.27
CA ASP B 44 -5.88 -1.15 8.55
C ASP B 44 -4.40 -1.12 8.88
N ASP B 45 -3.73 -2.27 8.75
CA ASP B 45 -2.30 -2.35 9.02
C ASP B 45 -1.50 -1.67 7.93
N LEU B 46 -2.02 -1.72 6.70
CA LEU B 46 -1.43 -1.02 5.58
C LEU B 46 -1.36 0.47 5.89
N GLN B 47 -2.48 1.02 6.38
CA GLN B 47 -2.52 2.41 6.78
C GLN B 47 -1.62 2.64 7.99
N GLY B 48 -1.51 1.64 8.85
CA GLY B 48 -0.62 1.73 9.99
C GLY B 48 0.82 1.89 9.57
N PHE B 49 1.21 1.15 8.53
CA PHE B 49 2.55 1.25 7.97
C PHE B 49 2.75 2.63 7.37
N LEU B 50 1.69 3.12 6.74
CA LEU B 50 1.70 4.44 6.15
C LEU B 50 1.82 5.51 7.23
N GLU B 51 1.24 5.26 8.39
CA GLU B 51 1.38 6.17 9.52
C GLU B 51 2.82 6.22 10.00
N GLN B 52 3.44 5.05 10.10
CA GLN B 52 4.83 4.95 10.51
C GLN B 52 5.76 5.71 9.58
N ARG B 53 5.58 5.53 8.29
CA ARG B 53 6.46 6.13 7.30
C ARG B 53 6.13 7.59 7.04
N LEU B 54 4.86 7.89 6.85
CA LEU B 54 4.42 9.23 6.45
C LEU B 54 4.34 10.18 7.63
N LYS B 55 4.20 9.60 8.82
CA LYS B 55 4.06 10.36 10.05
C LYS B 55 2.82 11.24 10.00
N ASP B 56 1.77 10.73 9.38
CA ASP B 56 0.55 11.50 9.18
C ASP B 56 -0.63 10.57 8.93
N TYR B 57 -1.61 10.64 9.83
CA TYR B 57 -2.77 9.77 9.79
C TYR B 57 -3.65 10.07 8.58
N ASP B 58 -3.77 11.35 8.25
CA ASP B 58 -4.67 11.79 7.19
C ASP B 58 -4.20 11.29 5.82
N GLU B 59 -2.92 11.51 5.53
CA GLU B 59 -2.34 11.12 4.26
C GLU B 59 -2.28 9.60 4.17
N ALA B 60 -2.07 8.96 5.31
CA ALA B 60 -2.03 7.51 5.38
C ALA B 60 -3.40 6.93 5.07
N ASN B 61 -4.42 7.60 5.55
CA ASN B 61 -5.79 7.18 5.31
C ASN B 61 -6.15 7.37 3.85
N LYS B 62 -5.75 8.51 3.31
CA LYS B 62 -6.00 8.84 1.91
C LYS B 62 -5.33 7.84 0.98
N LEU B 63 -4.14 7.39 1.35
CA LEU B 63 -3.43 6.41 0.55
C LEU B 63 -4.10 5.05 0.69
N ARG B 64 -4.57 4.75 1.88
CA ARG B 64 -5.32 3.51 2.12
C ARG B 64 -6.52 3.44 1.18
N VAL B 65 -7.20 4.57 1.03
CA VAL B 65 -8.39 4.64 0.19
C VAL B 65 -7.99 4.52 -1.28
N LEU B 66 -7.00 5.30 -1.65
CA LEU B 66 -6.52 5.36 -3.03
C LEU B 66 -6.03 3.98 -3.50
N PHE B 67 -5.22 3.36 -2.66
CA PHE B 67 -4.66 2.06 -2.99
C PHE B 67 -5.74 0.99 -3.01
N LYS B 68 -6.70 1.10 -2.10
CA LYS B 68 -7.79 0.13 -2.05
C LYS B 68 -8.68 0.25 -3.27
N GLU B 69 -8.84 1.47 -3.78
CA GLU B 69 -9.65 1.70 -4.96
C GLU B 69 -8.90 1.23 -6.20
N ALA B 70 -7.58 1.31 -6.13
CA ALA B 70 -6.72 0.81 -7.20
C ALA B 70 -6.83 -0.70 -7.24
N TRP B 71 -6.85 -1.30 -6.07
CA TRP B 71 -7.01 -2.75 -5.92
C TRP B 71 -8.39 -3.17 -6.42
N ARG B 72 -9.39 -2.35 -6.12
CA ARG B 72 -10.74 -2.60 -6.60
C ARG B 72 -10.80 -2.51 -8.13
N SER B 73 -10.10 -1.55 -8.69
CA SER B 73 -10.08 -1.35 -10.14
C SER B 73 -9.22 -2.43 -10.81
N SER B 74 -8.58 -3.27 -10.01
CA SER B 74 -7.79 -4.37 -10.52
C SER B 74 -8.72 -5.53 -10.90
N PHE B 75 -9.96 -5.46 -10.41
CA PHE B 75 -10.96 -6.48 -10.74
C PHE B 75 -11.94 -5.93 -11.77
N PRO A 31 9.83 13.59 7.22
CA PRO A 31 8.81 13.66 6.16
C PRO A 31 7.41 13.58 6.76
N SER A 32 6.44 14.10 6.03
CA SER A 32 5.05 14.06 6.45
C SER A 32 4.20 13.59 5.28
N GLY A 33 4.48 12.37 4.82
CA GLY A 33 3.83 11.85 3.64
C GLY A 33 4.60 12.18 2.39
N GLU A 34 3.87 12.21 1.27
CA GLU A 34 4.37 12.59 -0.07
C GLU A 34 5.84 12.26 -0.33
N SER A 35 6.75 13.12 0.14
CA SER A 35 8.18 13.00 -0.11
C SER A 35 8.70 11.58 0.12
N VAL A 36 8.30 10.98 1.24
CA VAL A 36 8.75 9.63 1.56
C VAL A 36 8.03 8.59 0.69
N VAL A 37 6.80 8.89 0.30
CA VAL A 37 6.04 8.00 -0.55
C VAL A 37 6.65 7.99 -1.95
N ALA A 38 7.40 9.02 -2.25
CA ALA A 38 8.03 9.17 -3.55
C ALA A 38 9.36 8.45 -3.62
N THR A 39 9.66 7.63 -2.62
CA THR A 39 10.94 6.98 -2.55
C THR A 39 10.79 5.50 -2.89
N GLU A 40 11.80 4.98 -3.56
CA GLU A 40 11.83 3.57 -3.91
C GLU A 40 11.94 2.74 -2.65
N ALA A 41 12.60 3.31 -1.65
CA ALA A 41 12.73 2.70 -0.33
C ALA A 41 11.36 2.48 0.30
N PHE A 42 10.46 3.44 0.15
CA PHE A 42 9.12 3.32 0.70
C PHE A 42 8.41 2.14 0.06
N TRP A 43 8.48 2.06 -1.25
CA TRP A 43 7.80 1.02 -2.00
C TRP A 43 8.46 -0.34 -1.76
N ASP A 44 9.74 -0.34 -1.46
CA ASP A 44 10.43 -1.58 -1.11
C ASP A 44 9.91 -2.12 0.22
N ASP A 45 9.83 -1.24 1.22
CA ASP A 45 9.31 -1.62 2.53
C ASP A 45 7.83 -1.96 2.45
N LEU A 46 7.11 -1.21 1.63
CA LEU A 46 5.69 -1.43 1.37
C LEU A 46 5.48 -2.83 0.81
N GLN A 47 6.30 -3.19 -0.18
CA GLN A 47 6.25 -4.52 -0.75
C GLN A 47 6.63 -5.57 0.28
N GLY A 48 7.57 -5.23 1.14
CA GLY A 48 7.97 -6.14 2.21
C GLY A 48 6.81 -6.45 3.13
N PHE A 49 6.02 -5.44 3.46
CA PHE A 49 4.85 -5.63 4.30
C PHE A 49 3.83 -6.47 3.57
N LEU A 50 3.70 -6.23 2.28
CA LEU A 50 2.78 -6.98 1.45
C LEU A 50 3.20 -8.44 1.37
N GLU A 51 4.50 -8.70 1.39
CA GLU A 51 5.01 -10.06 1.40
C GLU A 51 4.64 -10.74 2.70
N GLN A 52 4.80 -10.03 3.81
CA GLN A 52 4.48 -10.58 5.13
C GLN A 52 2.99 -10.90 5.26
N ARG A 53 2.16 -9.96 4.87
CA ARG A 53 0.72 -10.06 5.06
C ARG A 53 0.08 -10.98 4.02
N LEU A 54 0.50 -10.83 2.76
CA LEU A 54 -0.09 -11.59 1.66
C LEU A 54 0.55 -12.96 1.50
N LYS A 55 1.78 -13.08 2.00
CA LYS A 55 2.56 -14.31 1.88
C LYS A 55 2.74 -14.70 0.41
N ASP A 56 2.89 -13.69 -0.44
CA ASP A 56 3.03 -13.91 -1.88
C ASP A 56 3.74 -12.73 -2.53
N TYR A 57 4.90 -12.99 -3.09
CA TYR A 57 5.73 -11.96 -3.71
C TYR A 57 5.08 -11.40 -4.96
N ASP A 58 4.41 -12.26 -5.72
CA ASP A 58 3.80 -11.86 -6.98
C ASP A 58 2.71 -10.82 -6.74
N GLU A 59 1.82 -11.12 -5.81
CA GLU A 59 0.74 -10.21 -5.45
C GLU A 59 1.31 -8.93 -4.87
N ALA A 60 2.37 -9.07 -4.09
CA ALA A 60 2.99 -7.94 -3.41
C ALA A 60 3.59 -6.97 -4.41
N ASN A 61 4.24 -7.53 -5.42
CA ASN A 61 4.89 -6.73 -6.46
C ASN A 61 3.84 -6.06 -7.34
N LYS A 62 2.80 -6.82 -7.69
CA LYS A 62 1.71 -6.31 -8.49
C LYS A 62 1.03 -5.13 -7.81
N LEU A 63 0.82 -5.28 -6.51
CA LEU A 63 0.15 -4.24 -5.75
C LEU A 63 1.07 -3.05 -5.55
N ARG A 64 2.36 -3.32 -5.40
CA ARG A 64 3.35 -2.25 -5.28
C ARG A 64 3.28 -1.33 -6.50
N VAL A 65 3.19 -1.94 -7.67
CA VAL A 65 3.15 -1.19 -8.92
C VAL A 65 1.82 -0.47 -9.07
N LEU A 66 0.75 -1.23 -8.86
CA LEU A 66 -0.61 -0.72 -9.00
C LEU A 66 -0.85 0.46 -8.08
N PHE A 67 -0.48 0.28 -6.82
CA PHE A 67 -0.66 1.31 -5.80
C PHE A 67 0.19 2.52 -6.12
N LYS A 68 1.41 2.28 -6.61
CA LYS A 68 2.30 3.38 -6.94
C LYS A 68 1.75 4.19 -8.11
N GLU A 69 1.07 3.52 -9.04
CA GLU A 69 0.49 4.20 -10.18
C GLU A 69 -0.77 4.94 -9.79
N ALA A 70 -1.45 4.42 -8.78
CA ALA A 70 -2.60 5.10 -8.20
C ALA A 70 -2.14 6.37 -7.52
N TRP A 71 -1.03 6.27 -6.80
CA TRP A 71 -0.40 7.41 -6.15
C TRP A 71 0.06 8.41 -7.20
N ARG A 72 0.54 7.90 -8.33
CA ARG A 72 0.94 8.76 -9.44
C ARG A 72 -0.26 9.53 -9.97
N SER A 73 -1.41 8.88 -10.00
CA SER A 73 -2.64 9.51 -10.47
C SER A 73 -3.19 10.49 -9.44
N SER A 74 -2.62 10.46 -8.24
CA SER A 74 -3.05 11.35 -7.17
C SER A 74 -2.50 12.75 -7.40
N PHE A 75 -1.64 12.88 -8.40
CA PHE A 75 -1.11 14.17 -8.80
C PHE A 75 -1.82 14.66 -10.06
N PRO B 31 -3.54 -17.61 3.41
CA PRO B 31 -3.88 -16.82 2.21
C PRO B 31 -2.66 -16.65 1.32
N SER B 32 -2.89 -16.40 0.05
CA SER B 32 -1.82 -16.17 -0.91
C SER B 32 -2.16 -14.93 -1.73
N GLY B 33 -2.29 -13.81 -1.05
CA GLY B 33 -2.73 -12.58 -1.70
C GLY B 33 -4.24 -12.45 -1.66
N GLU B 34 -4.77 -11.69 -2.64
CA GLU B 34 -6.21 -11.49 -2.87
C GLU B 34 -7.08 -11.52 -1.60
N SER B 35 -7.44 -12.73 -1.16
CA SER B 35 -8.35 -12.94 -0.04
C SER B 35 -8.00 -12.05 1.16
N VAL B 36 -6.71 -12.00 1.52
CA VAL B 36 -6.28 -11.21 2.66
C VAL B 36 -6.28 -9.72 2.32
N VAL B 37 -6.04 -9.40 1.06
CA VAL B 37 -6.05 -8.02 0.62
C VAL B 37 -7.48 -7.48 0.65
N ALA B 38 -8.43 -8.39 0.63
CA ALA B 38 -9.83 -8.03 0.62
C ALA B 38 -10.36 -7.82 2.04
N THR B 39 -9.47 -7.75 3.01
CA THR B 39 -9.88 -7.64 4.39
C THR B 39 -9.62 -6.23 4.90
N GLU B 40 -10.52 -5.76 5.75
CA GLU B 40 -10.38 -4.46 6.36
C GLU B 40 -9.18 -4.46 7.29
N ALA B 41 -8.91 -5.63 7.85
CA ALA B 41 -7.74 -5.84 8.70
C ALA B 41 -6.45 -5.57 7.93
N PHE B 42 -6.40 -6.00 6.67
CA PHE B 42 -5.23 -5.78 5.84
C PHE B 42 -5.00 -4.29 5.65
N TRP B 43 -6.06 -3.59 5.30
CA TRP B 43 -6.00 -2.16 5.05
C TRP B 43 -5.72 -1.37 6.33
N ASP B 44 -6.16 -1.91 7.46
CA ASP B 44 -5.85 -1.30 8.75
C ASP B 44 -4.36 -1.38 9.04
N ASP B 45 -3.79 -2.57 8.86
CA ASP B 45 -2.35 -2.77 9.07
C ASP B 45 -1.54 -2.00 8.03
N LEU B 46 -2.06 -1.99 6.81
CA LEU B 46 -1.45 -1.26 5.70
C LEU B 46 -1.36 0.23 6.05
N GLN B 47 -2.46 0.77 6.56
CA GLN B 47 -2.50 2.15 7.00
C GLN B 47 -1.55 2.37 8.16
N GLY B 48 -1.46 1.38 9.04
CA GLY B 48 -0.53 1.45 10.16
C GLY B 48 0.90 1.58 9.69
N PHE B 49 1.27 0.83 8.66
CA PHE B 49 2.60 0.90 8.10
C PHE B 49 2.81 2.27 7.47
N LEU B 50 1.78 2.77 6.82
CA LEU B 50 1.83 4.07 6.18
C LEU B 50 1.99 5.16 7.23
N GLU B 51 1.40 4.97 8.40
CA GLU B 51 1.56 5.91 9.49
C GLU B 51 3.00 5.91 9.99
N GLN B 52 3.59 4.73 10.11
CA GLN B 52 4.98 4.60 10.56
C GLN B 52 5.95 5.25 9.58
N ARG B 53 5.79 4.92 8.31
CA ARG B 53 6.73 5.34 7.27
C ARG B 53 6.51 6.82 6.88
N LEU B 54 5.24 7.19 6.72
CA LEU B 54 4.90 8.54 6.28
C LEU B 54 4.86 9.54 7.42
N LYS B 55 4.65 9.02 8.63
CA LYS B 55 4.52 9.84 9.83
C LYS B 55 3.38 10.84 9.69
N ASP B 56 2.31 10.41 9.01
CA ASP B 56 1.17 11.28 8.77
C ASP B 56 -0.08 10.43 8.53
N TYR B 57 -1.06 10.60 9.41
CA TYR B 57 -2.30 9.83 9.35
C TYR B 57 -3.12 10.19 8.12
N ASP B 58 -3.13 11.48 7.77
CA ASP B 58 -3.93 11.97 6.66
C ASP B 58 -3.49 11.33 5.35
N GLU B 59 -2.19 11.37 5.09
CA GLU B 59 -1.62 10.78 3.89
C GLU B 59 -1.84 9.27 3.90
N ALA B 60 -1.74 8.68 5.08
CA ALA B 60 -1.86 7.24 5.22
C ALA B 60 -3.27 6.78 4.89
N ASN B 61 -4.25 7.54 5.36
CA ASN B 61 -5.65 7.23 5.13
C ASN B 61 -6.00 7.45 3.67
N LYS B 62 -5.51 8.55 3.10
CA LYS B 62 -5.75 8.87 1.70
C LYS B 62 -5.20 7.77 0.81
N LEU B 63 -4.02 7.30 1.14
CA LEU B 63 -3.38 6.28 0.33
C LEU B 63 -4.06 4.94 0.53
N ARG B 64 -4.54 4.69 1.75
CA ARG B 64 -5.29 3.47 2.04
C ARG B 64 -6.50 3.37 1.12
N VAL B 65 -7.20 4.47 0.97
CA VAL B 65 -8.40 4.52 0.15
C VAL B 65 -8.04 4.41 -1.33
N LEU B 66 -7.09 5.24 -1.73
CA LEU B 66 -6.65 5.31 -3.12
C LEU B 66 -6.14 3.95 -3.59
N PHE B 67 -5.28 3.35 -2.80
CA PHE B 67 -4.70 2.06 -3.12
C PHE B 67 -5.77 0.98 -3.16
N LYS B 68 -6.72 1.05 -2.22
CA LYS B 68 -7.79 0.08 -2.17
C LYS B 68 -8.68 0.17 -3.40
N GLU B 69 -8.85 1.38 -3.92
CA GLU B 69 -9.68 1.59 -5.10
C GLU B 69 -8.92 1.16 -6.34
N ALA B 70 -7.61 1.28 -6.29
CA ALA B 70 -6.75 0.78 -7.36
C ALA B 70 -6.84 -0.74 -7.41
N TRP B 71 -6.82 -1.34 -6.23
CA TRP B 71 -6.98 -2.77 -6.08
C TRP B 71 -8.35 -3.20 -6.56
N ARG B 72 -9.36 -2.36 -6.30
CA ARG B 72 -10.71 -2.61 -6.77
C ARG B 72 -10.75 -2.61 -8.30
N SER B 73 -9.96 -1.72 -8.92
CA SER B 73 -9.91 -1.62 -10.36
C SER B 73 -9.08 -2.78 -10.96
N SER B 74 -8.41 -3.53 -10.08
CA SER B 74 -7.61 -4.67 -10.51
C SER B 74 -8.52 -5.85 -10.86
N PHE B 75 -9.80 -5.70 -10.56
CA PHE B 75 -10.79 -6.70 -10.91
C PHE B 75 -11.57 -6.24 -12.13
N PRO A 31 8.81 11.93 7.44
CA PRO A 31 9.41 12.41 6.18
C PRO A 31 8.33 12.88 5.20
N SER A 32 7.40 13.69 5.73
CA SER A 32 6.25 14.20 4.98
C SER A 32 5.39 13.10 4.34
N GLY A 33 4.11 13.38 4.18
CA GLY A 33 3.21 12.44 3.54
C GLY A 33 3.27 12.54 2.03
N GLU A 34 4.48 12.42 1.49
CA GLU A 34 4.72 12.50 0.05
C GLU A 34 6.16 12.18 -0.25
N SER A 35 7.07 12.94 0.36
CA SER A 35 8.50 12.78 0.14
C SER A 35 8.96 11.34 0.32
N VAL A 36 8.57 10.72 1.43
CA VAL A 36 8.95 9.34 1.68
C VAL A 36 8.23 8.40 0.74
N VAL A 37 7.00 8.74 0.37
CA VAL A 37 6.22 7.92 -0.55
C VAL A 37 6.87 7.94 -1.94
N ALA A 38 7.69 8.94 -2.16
CA ALA A 38 8.39 9.11 -3.42
C ALA A 38 9.73 8.39 -3.42
N THR A 39 9.97 7.55 -2.42
CA THR A 39 11.26 6.89 -2.30
C THR A 39 11.14 5.42 -2.64
N GLU A 40 12.23 4.86 -3.12
CA GLU A 40 12.30 3.44 -3.43
C GLU A 40 12.19 2.64 -2.15
N ALA A 41 12.72 3.21 -1.07
CA ALA A 41 12.65 2.59 0.24
C ALA A 41 11.22 2.38 0.71
N PHE A 42 10.35 3.36 0.45
CA PHE A 42 8.96 3.25 0.85
C PHE A 42 8.28 2.09 0.17
N TRP A 43 8.44 2.03 -1.14
CA TRP A 43 7.82 0.98 -1.94
C TRP A 43 8.47 -0.37 -1.67
N ASP A 44 9.74 -0.36 -1.30
CA ASP A 44 10.44 -1.58 -0.91
C ASP A 44 9.79 -2.20 0.31
N ASP A 45 9.61 -1.40 1.36
CA ASP A 45 9.00 -1.88 2.59
C ASP A 45 7.51 -2.11 2.42
N LEU A 46 6.88 -1.30 1.57
CA LEU A 46 5.47 -1.46 1.24
C LEU A 46 5.25 -2.85 0.63
N GLN A 47 6.11 -3.20 -0.32
CA GLN A 47 6.07 -4.52 -0.93
C GLN A 47 6.47 -5.58 0.10
N GLY A 48 7.36 -5.22 1.01
CA GLY A 48 7.76 -6.12 2.07
C GLY A 48 6.58 -6.50 2.95
N PHE A 49 5.73 -5.53 3.24
CA PHE A 49 4.53 -5.76 4.03
C PHE A 49 3.58 -6.64 3.25
N LEU A 50 3.50 -6.40 1.95
CA LEU A 50 2.64 -7.19 1.07
C LEU A 50 3.13 -8.63 1.00
N GLU A 51 4.45 -8.81 0.98
CA GLU A 51 5.04 -10.14 0.97
C GLU A 51 4.70 -10.90 2.25
N GLN A 52 4.89 -10.24 3.38
CA GLN A 52 4.65 -10.86 4.67
C GLN A 52 3.18 -11.17 4.89
N ARG A 53 2.31 -10.27 4.49
CA ARG A 53 0.88 -10.43 4.69
C ARG A 53 0.27 -11.41 3.68
N LEU A 54 0.58 -11.21 2.40
CA LEU A 54 -0.02 -12.01 1.34
C LEU A 54 0.69 -13.33 1.16
N LYS A 55 1.95 -13.36 1.60
CA LYS A 55 2.83 -14.52 1.42
C LYS A 55 2.99 -14.84 -0.07
N ASP A 56 3.10 -13.78 -0.87
CA ASP A 56 3.20 -13.91 -2.32
C ASP A 56 3.95 -12.72 -2.90
N TYR A 57 5.16 -12.96 -3.37
CA TYR A 57 6.01 -11.91 -3.90
C TYR A 57 5.45 -11.34 -5.19
N ASP A 58 4.86 -12.21 -6.01
CA ASP A 58 4.34 -11.79 -7.31
C ASP A 58 3.21 -10.79 -7.14
N GLU A 59 2.25 -11.13 -6.30
CA GLU A 59 1.10 -10.27 -6.07
C GLU A 59 1.52 -9.03 -5.30
N ALA A 60 2.54 -9.18 -4.46
CA ALA A 60 3.07 -8.07 -3.69
C ALA A 60 3.68 -7.04 -4.64
N ASN A 61 4.32 -7.55 -5.68
CA ASN A 61 4.94 -6.70 -6.70
C ASN A 61 3.86 -6.03 -7.53
N LYS A 62 2.86 -6.80 -7.95
CA LYS A 62 1.76 -6.28 -8.74
C LYS A 62 1.02 -5.18 -8.01
N LEU A 63 0.83 -5.36 -6.71
CA LEU A 63 0.15 -4.38 -5.89
C LEU A 63 1.03 -3.17 -5.68
N ARG A 64 2.34 -3.39 -5.52
CA ARG A 64 3.30 -2.31 -5.36
C ARG A 64 3.25 -1.38 -6.56
N VAL A 65 3.17 -1.97 -7.76
CA VAL A 65 3.13 -1.20 -8.99
C VAL A 65 1.80 -0.48 -9.12
N LEU A 66 0.74 -1.23 -8.82
CA LEU A 66 -0.62 -0.73 -8.89
C LEU A 66 -0.79 0.49 -7.99
N PHE A 67 -0.37 0.34 -6.74
CA PHE A 67 -0.51 1.40 -5.75
C PHE A 67 0.39 2.58 -6.10
N LYS A 68 1.58 2.29 -6.63
CA LYS A 68 2.50 3.34 -7.00
C LYS A 68 1.95 4.17 -8.15
N GLU A 69 1.26 3.52 -9.07
CA GLU A 69 0.67 4.20 -10.21
C GLU A 69 -0.54 5.01 -9.77
N ALA A 70 -1.21 4.50 -8.74
CA ALA A 70 -2.36 5.20 -8.17
C ALA A 70 -1.87 6.48 -7.49
N TRP A 71 -0.74 6.36 -6.82
CA TRP A 71 -0.10 7.49 -6.16
C TRP A 71 0.40 8.49 -7.18
N ARG A 72 0.96 7.98 -8.28
CA ARG A 72 1.40 8.84 -9.37
C ARG A 72 0.23 9.62 -9.95
N SER A 73 -0.91 8.95 -10.06
CA SER A 73 -2.11 9.57 -10.60
C SER A 73 -2.73 10.55 -9.59
N SER A 74 -2.18 10.60 -8.39
CA SER A 74 -2.67 11.50 -7.36
C SER A 74 -2.04 12.89 -7.52
N PHE A 75 -1.04 12.98 -8.39
CA PHE A 75 -0.43 14.26 -8.69
C PHE A 75 -1.21 14.98 -9.78
N PRO B 31 -2.25 -16.05 3.45
CA PRO B 31 -3.72 -15.99 3.28
C PRO B 31 -4.08 -15.56 1.86
N SER B 32 -3.41 -16.19 0.89
CA SER B 32 -3.57 -15.89 -0.54
C SER B 32 -3.29 -14.41 -0.88
N GLY B 33 -2.83 -14.17 -2.10
CA GLY B 33 -2.60 -12.82 -2.55
C GLY B 33 -3.87 -12.15 -3.05
N GLU B 34 -4.89 -12.15 -2.21
CA GLU B 34 -6.18 -11.56 -2.55
C GLU B 34 -7.09 -11.59 -1.32
N SER B 35 -7.31 -12.79 -0.78
CA SER B 35 -8.18 -13.00 0.37
C SER B 35 -7.84 -12.05 1.52
N VAL B 36 -6.56 -11.98 1.89
CA VAL B 36 -6.15 -11.11 2.97
C VAL B 36 -6.24 -9.65 2.56
N VAL B 37 -5.99 -9.37 1.28
CA VAL B 37 -6.07 -8.00 0.77
C VAL B 37 -7.52 -7.53 0.83
N ALA B 38 -8.43 -8.47 0.90
CA ALA B 38 -9.85 -8.17 0.95
C ALA B 38 -10.33 -8.01 2.39
N THR B 39 -9.41 -7.90 3.33
CA THR B 39 -9.79 -7.82 4.73
C THR B 39 -9.56 -6.42 5.27
N GLU B 40 -10.35 -6.06 6.26
CA GLU B 40 -10.20 -4.78 6.92
C GLU B 40 -8.88 -4.74 7.66
N ALA B 41 -8.46 -5.90 8.16
CA ALA B 41 -7.19 -6.05 8.86
C ALA B 41 -6.01 -5.68 7.97
N PHE B 42 -6.05 -6.07 6.71
CA PHE B 42 -4.98 -5.78 5.77
C PHE B 42 -4.82 -4.28 5.61
N TRP B 43 -5.93 -3.61 5.32
CA TRP B 43 -5.93 -2.18 5.10
C TRP B 43 -5.65 -1.42 6.38
N ASP B 44 -6.01 -2.00 7.51
CA ASP B 44 -5.70 -1.43 8.81
C ASP B 44 -4.19 -1.34 9.02
N ASP B 45 -3.51 -2.46 8.81
CA ASP B 45 -2.06 -2.50 8.98
C ASP B 45 -1.35 -1.78 7.84
N LEU B 46 -1.94 -1.82 6.65
CA LEU B 46 -1.42 -1.08 5.50
C LEU B 46 -1.38 0.41 5.83
N GLN B 47 -2.48 0.91 6.38
CA GLN B 47 -2.54 2.29 6.81
C GLN B 47 -1.61 2.51 8.00
N GLY B 48 -1.47 1.49 8.83
CA GLY B 48 -0.55 1.57 9.95
C GLY B 48 0.88 1.79 9.51
N PHE B 49 1.26 1.11 8.43
CA PHE B 49 2.58 1.27 7.85
C PHE B 49 2.73 2.66 7.28
N LEU B 50 1.66 3.14 6.67
CA LEU B 50 1.63 4.47 6.09
C LEU B 50 1.75 5.54 7.18
N GLU B 51 1.11 5.30 8.31
CA GLU B 51 1.19 6.19 9.46
C GLU B 51 2.61 6.27 9.98
N GLN B 52 3.22 5.11 10.19
CA GLN B 52 4.58 5.04 10.74
C GLN B 52 5.61 5.63 9.79
N ARG B 53 5.46 5.35 8.51
CA ARG B 53 6.43 5.81 7.52
C ARG B 53 6.23 7.30 7.18
N LEU B 54 5.00 7.68 6.91
CA LEU B 54 4.69 9.05 6.48
C LEU B 54 4.57 9.99 7.67
N LYS B 55 4.28 9.42 8.83
CA LYS B 55 4.03 10.19 10.05
C LYS B 55 2.85 11.14 9.83
N ASP B 56 1.84 10.66 9.13
CA ASP B 56 0.67 11.46 8.80
C ASP B 56 -0.55 10.56 8.61
N TYR B 57 -1.47 10.62 9.54
CA TYR B 57 -2.67 9.78 9.51
C TYR B 57 -3.58 10.14 8.36
N ASP B 58 -3.65 11.43 8.05
CA ASP B 58 -4.54 11.90 6.99
C ASP B 58 -4.13 11.36 5.64
N GLU B 59 -2.85 11.50 5.32
CA GLU B 59 -2.33 11.04 4.04
C GLU B 59 -2.30 9.52 4.01
N ALA B 60 -2.13 8.91 5.18
CA ALA B 60 -2.13 7.46 5.29
C ALA B 60 -3.50 6.92 4.95
N ASN B 61 -4.52 7.66 5.37
CA ASN B 61 -5.90 7.31 5.09
C ASN B 61 -6.20 7.50 3.61
N LYS B 62 -5.79 8.64 3.08
CA LYS B 62 -6.01 8.96 1.67
C LYS B 62 -5.36 7.91 0.77
N LEU B 63 -4.17 7.47 1.15
CA LEU B 63 -3.46 6.47 0.38
C LEU B 63 -4.11 5.11 0.54
N ARG B 64 -4.61 4.83 1.74
CA ARG B 64 -5.30 3.58 2.01
C ARG B 64 -6.52 3.44 1.11
N VAL B 65 -7.25 4.54 0.95
CA VAL B 65 -8.45 4.56 0.12
C VAL B 65 -8.06 4.45 -1.35
N LEU B 66 -7.06 5.23 -1.71
CA LEU B 66 -6.54 5.27 -3.08
C LEU B 66 -6.11 3.87 -3.53
N PHE B 67 -5.30 3.24 -2.71
CA PHE B 67 -4.75 1.93 -3.01
C PHE B 67 -5.85 0.88 -3.02
N LYS B 68 -6.80 1.02 -2.10
CA LYS B 68 -7.90 0.07 -2.01
C LYS B 68 -8.78 0.15 -3.24
N GLU B 69 -8.95 1.35 -3.78
CA GLU B 69 -9.76 1.55 -4.97
C GLU B 69 -9.02 1.03 -6.19
N ALA B 70 -7.70 1.13 -6.14
CA ALA B 70 -6.86 0.63 -7.21
C ALA B 70 -6.95 -0.89 -7.24
N TRP B 71 -6.97 -1.48 -6.05
CA TRP B 71 -7.11 -2.92 -5.91
C TRP B 71 -8.50 -3.36 -6.34
N ARG B 72 -9.51 -2.57 -6.01
CA ARG B 72 -10.87 -2.84 -6.45
C ARG B 72 -10.96 -2.83 -7.97
N SER B 73 -10.25 -1.89 -8.58
CA SER B 73 -10.23 -1.76 -10.03
C SER B 73 -9.40 -2.86 -10.68
N SER B 74 -8.75 -3.68 -9.87
CA SER B 74 -7.94 -4.78 -10.38
C SER B 74 -8.81 -6.01 -10.63
N PHE B 75 -10.05 -5.96 -10.17
CA PHE B 75 -11.00 -7.02 -10.42
C PHE B 75 -11.69 -6.81 -11.76
N PRO A 31 11.14 13.20 6.31
CA PRO A 31 10.25 13.53 5.18
C PRO A 31 8.82 13.76 5.66
N SER A 32 8.17 14.77 5.09
CA SER A 32 6.86 15.19 5.56
C SER A 32 5.72 14.42 4.86
N GLY A 33 5.62 13.13 5.14
CA GLY A 33 4.51 12.35 4.63
C GLY A 33 4.71 11.90 3.20
N GLU A 34 4.22 12.69 2.25
CA GLU A 34 4.24 12.33 0.85
C GLU A 34 5.67 12.18 0.33
N SER A 35 6.57 13.01 0.86
CA SER A 35 7.97 12.98 0.47
C SER A 35 8.59 11.59 0.67
N VAL A 36 8.18 10.88 1.73
CA VAL A 36 8.74 9.56 1.98
C VAL A 36 8.07 8.54 1.09
N VAL A 37 6.84 8.82 0.69
CA VAL A 37 6.12 7.95 -0.23
C VAL A 37 6.76 7.99 -1.60
N ALA A 38 7.44 9.08 -1.88
CA ALA A 38 8.07 9.29 -3.17
C ALA A 38 9.43 8.59 -3.26
N THR A 39 9.73 7.72 -2.30
CA THR A 39 11.04 7.10 -2.26
C THR A 39 10.93 5.63 -2.67
N GLU A 40 12.03 5.11 -3.20
CA GLU A 40 12.10 3.70 -3.56
C GLU A 40 12.01 2.84 -2.31
N ALA A 41 12.59 3.34 -1.23
CA ALA A 41 12.57 2.66 0.06
C ALA A 41 11.15 2.47 0.58
N PHE A 42 10.28 3.45 0.35
CA PHE A 42 8.90 3.36 0.80
C PHE A 42 8.21 2.18 0.11
N TRP A 43 8.32 2.15 -1.20
CA TRP A 43 7.69 1.11 -1.99
C TRP A 43 8.35 -0.24 -1.77
N ASP A 44 9.62 -0.22 -1.43
CA ASP A 44 10.34 -1.45 -1.08
C ASP A 44 9.75 -2.06 0.18
N ASP A 45 9.60 -1.25 1.22
CA ASP A 45 9.02 -1.72 2.48
C ASP A 45 7.54 -2.01 2.34
N LEU A 46 6.87 -1.23 1.50
CA LEU A 46 5.46 -1.45 1.19
C LEU A 46 5.29 -2.84 0.59
N GLN A 47 6.13 -3.17 -0.38
CA GLN A 47 6.12 -4.49 -0.97
C GLN A 47 6.55 -5.53 0.05
N GLY A 48 7.46 -5.14 0.94
CA GLY A 48 7.89 -6.03 2.00
C GLY A 48 6.76 -6.44 2.90
N PHE A 49 5.88 -5.49 3.22
CA PHE A 49 4.71 -5.75 4.03
C PHE A 49 3.75 -6.65 3.26
N LEU A 50 3.65 -6.40 1.96
CA LEU A 50 2.80 -7.19 1.10
C LEU A 50 3.30 -8.63 1.02
N GLU A 51 4.62 -8.79 0.99
CA GLU A 51 5.23 -10.11 0.98
C GLU A 51 4.94 -10.86 2.27
N GLN A 52 5.11 -10.18 3.40
CA GLN A 52 4.84 -10.79 4.69
C GLN A 52 3.38 -11.21 4.84
N ARG A 53 2.48 -10.29 4.49
CA ARG A 53 1.06 -10.49 4.68
C ARG A 53 0.50 -11.51 3.69
N LEU A 54 0.83 -11.33 2.42
CA LEU A 54 0.30 -12.17 1.36
C LEU A 54 1.08 -13.45 1.22
N LYS A 55 2.32 -13.42 1.69
CA LYS A 55 3.26 -14.52 1.55
C LYS A 55 3.41 -14.90 0.08
N ASP A 56 3.44 -13.88 -0.77
CA ASP A 56 3.51 -14.08 -2.21
C ASP A 56 4.17 -12.89 -2.89
N TYR A 57 5.34 -13.13 -3.46
CA TYR A 57 6.12 -12.08 -4.11
C TYR A 57 5.43 -11.57 -5.38
N ASP A 58 4.74 -12.48 -6.07
CA ASP A 58 4.07 -12.15 -7.32
C ASP A 58 2.93 -11.16 -7.08
N GLU A 59 2.07 -11.49 -6.13
CA GLU A 59 0.92 -10.65 -5.80
C GLU A 59 1.39 -9.35 -5.15
N ALA A 60 2.46 -9.46 -4.37
CA ALA A 60 3.01 -8.30 -3.67
C ALA A 60 3.58 -7.30 -4.66
N ASN A 61 4.23 -7.83 -5.69
CA ASN A 61 4.82 -7.01 -6.74
C ASN A 61 3.73 -6.31 -7.54
N LYS A 62 2.72 -7.08 -7.95
CA LYS A 62 1.61 -6.54 -8.72
C LYS A 62 0.90 -5.43 -7.96
N LEU A 63 0.77 -5.61 -6.65
CA LEU A 63 0.11 -4.63 -5.81
C LEU A 63 0.98 -3.40 -5.63
N ARG A 64 2.29 -3.61 -5.47
CA ARG A 64 3.23 -2.50 -5.32
C ARG A 64 3.17 -1.59 -6.54
N VAL A 65 3.08 -2.21 -7.72
CA VAL A 65 3.03 -1.46 -8.96
C VAL A 65 1.69 -0.75 -9.07
N LEU A 66 0.64 -1.48 -8.74
CA LEU A 66 -0.72 -0.96 -8.81
C LEU A 66 -0.88 0.28 -7.93
N PHE A 67 -0.44 0.14 -6.69
CA PHE A 67 -0.56 1.20 -5.71
C PHE A 67 0.32 2.39 -6.06
N LYS A 68 1.51 2.11 -6.57
CA LYS A 68 2.43 3.18 -6.93
C LYS A 68 1.90 3.99 -8.11
N GLU A 69 1.24 3.31 -9.04
CA GLU A 69 0.68 3.98 -10.20
C GLU A 69 -0.58 4.74 -9.81
N ALA A 70 -1.26 4.24 -8.79
CA ALA A 70 -2.41 4.92 -8.23
C ALA A 70 -1.95 6.20 -7.54
N TRP A 71 -0.83 6.09 -6.86
CA TRP A 71 -0.21 7.22 -6.19
C TRP A 71 0.25 8.25 -7.22
N ARG A 72 0.78 7.75 -8.33
CA ARG A 72 1.18 8.62 -9.43
C ARG A 72 -0.03 9.35 -10.01
N SER A 73 -1.16 8.64 -10.11
CA SER A 73 -2.38 9.21 -10.65
C SER A 73 -3.03 10.17 -9.65
N SER A 74 -2.47 10.24 -8.45
CA SER A 74 -2.98 11.14 -7.43
C SER A 74 -2.47 12.56 -7.69
N PHE A 75 -1.48 12.66 -8.58
CA PHE A 75 -0.94 13.96 -8.96
C PHE A 75 -1.64 14.45 -10.22
N PRO B 31 -4.80 -17.22 4.35
CA PRO B 31 -5.34 -16.64 3.09
C PRO B 31 -4.27 -16.64 2.00
N SER B 32 -4.69 -16.98 0.79
CA SER B 32 -3.75 -17.16 -0.32
C SER B 32 -3.49 -15.86 -1.07
N GLY B 33 -2.82 -14.92 -0.41
CA GLY B 33 -2.41 -13.69 -1.07
C GLY B 33 -3.52 -12.66 -1.16
N GLU B 34 -4.26 -12.68 -2.27
CA GLU B 34 -5.28 -11.69 -2.53
C GLU B 34 -6.39 -11.74 -1.48
N SER B 35 -6.71 -12.93 -1.02
CA SER B 35 -7.72 -13.14 -0.01
C SER B 35 -7.46 -12.31 1.25
N VAL B 36 -6.19 -12.15 1.63
CA VAL B 36 -5.88 -11.38 2.83
C VAL B 36 -5.93 -9.89 2.52
N VAL B 37 -5.71 -9.55 1.25
CA VAL B 37 -5.79 -8.16 0.81
C VAL B 37 -7.23 -7.70 0.85
N ALA B 38 -8.14 -8.65 0.75
CA ALA B 38 -9.57 -8.34 0.72
C ALA B 38 -10.14 -8.14 2.12
N THR B 39 -9.27 -8.02 3.11
CA THR B 39 -9.72 -7.93 4.49
C THR B 39 -9.55 -6.51 5.01
N GLU B 40 -10.38 -6.15 5.97
CA GLU B 40 -10.29 -4.84 6.62
C GLU B 40 -8.99 -4.74 7.39
N ALA B 41 -8.58 -5.87 7.96
CA ALA B 41 -7.34 -5.97 8.71
C ALA B 41 -6.12 -5.64 7.85
N PHE B 42 -6.15 -6.07 6.59
CA PHE B 42 -5.03 -5.80 5.68
C PHE B 42 -4.86 -4.31 5.50
N TRP B 43 -5.96 -3.64 5.16
CA TRP B 43 -5.95 -2.21 4.91
C TRP B 43 -5.70 -1.42 6.20
N ASP B 44 -6.11 -2.00 7.32
CA ASP B 44 -5.83 -1.40 8.62
C ASP B 44 -4.33 -1.36 8.89
N ASP B 45 -3.67 -2.49 8.68
CA ASP B 45 -2.23 -2.59 8.89
C ASP B 45 -1.48 -1.83 7.80
N LEU B 46 -2.03 -1.84 6.60
CA LEU B 46 -1.47 -1.09 5.49
C LEU B 46 -1.44 0.40 5.85
N GLN B 47 -2.55 0.90 6.36
CA GLN B 47 -2.61 2.27 6.83
C GLN B 47 -1.71 2.48 8.04
N GLY B 48 -1.59 1.44 8.86
CA GLY B 48 -0.71 1.49 10.01
C GLY B 48 0.74 1.71 9.60
N PHE B 49 1.15 1.04 8.53
CA PHE B 49 2.49 1.20 7.99
C PHE B 49 2.65 2.60 7.43
N LEU B 50 1.59 3.08 6.80
CA LEU B 50 1.59 4.42 6.22
C LEU B 50 1.69 5.47 7.33
N GLU B 51 1.04 5.21 8.45
CA GLU B 51 1.11 6.11 9.59
C GLU B 51 2.52 6.15 10.17
N GLN B 52 3.12 4.98 10.34
CA GLN B 52 4.49 4.91 10.87
C GLN B 52 5.48 5.61 9.95
N ARG B 53 5.39 5.31 8.66
CA ARG B 53 6.35 5.81 7.69
C ARG B 53 6.17 7.30 7.42
N LEU B 54 4.92 7.69 7.18
CA LEU B 54 4.61 9.07 6.82
C LEU B 54 4.48 9.94 8.05
N LYS B 55 4.19 9.30 9.17
CA LYS B 55 3.92 9.98 10.44
C LYS B 55 2.79 10.98 10.26
N ASP B 56 1.78 10.58 9.48
CA ASP B 56 0.67 11.45 9.16
C ASP B 56 -0.58 10.63 8.86
N TYR B 57 -1.58 10.76 9.72
CA TYR B 57 -2.82 10.01 9.60
C TYR B 57 -3.62 10.45 8.38
N ASP B 58 -3.54 11.73 8.05
CA ASP B 58 -4.27 12.30 6.93
C ASP B 58 -3.79 11.72 5.60
N GLU B 59 -2.49 11.76 5.40
CA GLU B 59 -1.88 11.27 4.18
C GLU B 59 -2.00 9.74 4.11
N ALA B 60 -1.90 9.11 5.28
CA ALA B 60 -1.98 7.66 5.36
C ALA B 60 -3.38 7.18 4.99
N ASN B 61 -4.37 7.94 5.43
CA ASN B 61 -5.77 7.62 5.14
C ASN B 61 -6.04 7.79 3.65
N LYS B 62 -5.61 8.91 3.10
CA LYS B 62 -5.80 9.21 1.68
C LYS B 62 -5.16 8.13 0.82
N LEU B 63 -4.00 7.66 1.23
CA LEU B 63 -3.28 6.64 0.48
C LEU B 63 -3.97 5.28 0.63
N ARG B 64 -4.46 4.99 1.83
CA ARG B 64 -5.17 3.74 2.07
C ARG B 64 -6.39 3.62 1.17
N VAL B 65 -7.09 4.74 1.01
CA VAL B 65 -8.28 4.79 0.18
C VAL B 65 -7.89 4.66 -1.29
N LEU B 66 -6.85 5.40 -1.65
CA LEU B 66 -6.36 5.43 -3.02
C LEU B 66 -5.93 4.03 -3.47
N PHE B 67 -5.14 3.38 -2.63
CA PHE B 67 -4.62 2.07 -2.95
C PHE B 67 -5.72 1.03 -2.96
N LYS B 68 -6.66 1.15 -2.03
CA LYS B 68 -7.76 0.19 -1.95
C LYS B 68 -8.66 0.30 -3.18
N GLU B 69 -8.86 1.50 -3.67
CA GLU B 69 -9.69 1.71 -4.84
C GLU B 69 -8.95 1.28 -6.10
N ALA B 70 -7.63 1.37 -6.05
CA ALA B 70 -6.78 0.89 -7.13
C ALA B 70 -6.86 -0.62 -7.18
N TRP B 71 -6.87 -1.23 -6.00
CA TRP B 71 -7.01 -2.66 -5.85
C TRP B 71 -8.38 -3.11 -6.34
N ARG B 72 -9.39 -2.31 -6.05
CA ARG B 72 -10.73 -2.58 -6.53
C ARG B 72 -10.78 -2.50 -8.05
N SER B 73 -10.07 -1.54 -8.63
CA SER B 73 -10.03 -1.36 -10.08
C SER B 73 -9.18 -2.46 -10.73
N SER B 74 -8.54 -3.29 -9.92
CA SER B 74 -7.73 -4.38 -10.44
C SER B 74 -8.64 -5.55 -10.83
N PHE B 75 -9.89 -5.49 -10.39
CA PHE B 75 -10.88 -6.50 -10.74
C PHE B 75 -11.68 -6.05 -11.96
N PRO A 31 11.63 14.14 5.41
CA PRO A 31 10.38 13.88 4.68
C PRO A 31 9.20 14.50 5.42
N SER A 32 8.01 14.42 4.82
CA SER A 32 6.82 14.99 5.42
C SER A 32 5.55 14.33 4.87
N GLY A 33 5.40 13.04 5.17
CA GLY A 33 4.20 12.31 4.78
C GLY A 33 3.87 12.34 3.30
N GLU A 34 4.90 12.31 2.45
CA GLU A 34 4.69 12.27 1.00
C GLU A 34 6.02 12.11 0.29
N SER A 35 6.97 12.93 0.68
CA SER A 35 8.32 12.88 0.14
C SER A 35 8.96 11.51 0.40
N VAL A 36 8.54 10.86 1.49
CA VAL A 36 9.01 9.52 1.80
C VAL A 36 8.29 8.50 0.92
N VAL A 37 7.06 8.82 0.54
CA VAL A 37 6.28 7.96 -0.35
C VAL A 37 6.88 7.98 -1.74
N ALA A 38 7.59 9.05 -2.03
CA ALA A 38 8.20 9.23 -3.33
C ALA A 38 9.53 8.50 -3.44
N THR A 39 9.83 7.63 -2.47
CA THR A 39 11.11 6.95 -2.44
C THR A 39 10.94 5.49 -2.83
N GLU A 40 11.98 4.93 -3.42
CA GLU A 40 11.99 3.53 -3.79
C GLU A 40 11.94 2.65 -2.56
N ALA A 41 12.58 3.15 -1.50
CA ALA A 41 12.59 2.47 -0.21
C ALA A 41 11.19 2.33 0.38
N PHE A 42 10.34 3.33 0.15
CA PHE A 42 8.97 3.29 0.64
C PHE A 42 8.22 2.15 -0.03
N TRP A 43 8.29 2.11 -1.35
CA TRP A 43 7.58 1.11 -2.12
C TRP A 43 8.18 -0.28 -1.88
N ASP A 44 9.47 -0.32 -1.60
CA ASP A 44 10.13 -1.58 -1.31
C ASP A 44 9.64 -2.14 0.02
N ASP A 45 9.52 -1.28 1.02
CA ASP A 45 9.05 -1.67 2.34
C ASP A 45 7.56 -1.98 2.29
N LEU A 46 6.85 -1.22 1.48
CA LEU A 46 5.43 -1.43 1.23
C LEU A 46 5.21 -2.84 0.67
N GLN A 47 6.01 -3.20 -0.32
CA GLN A 47 5.96 -4.55 -0.87
C GLN A 47 6.45 -5.56 0.16
N GLY A 48 7.34 -5.12 1.04
CA GLY A 48 7.79 -5.96 2.13
C GLY A 48 6.64 -6.38 3.02
N PHE A 49 5.75 -5.44 3.31
CA PHE A 49 4.56 -5.73 4.09
C PHE A 49 3.64 -6.65 3.31
N LEU A 50 3.56 -6.42 2.01
CA LEU A 50 2.71 -7.21 1.14
C LEU A 50 3.20 -8.65 1.06
N GLU A 51 4.51 -8.83 1.00
CA GLU A 51 5.11 -10.15 0.97
C GLU A 51 4.85 -10.89 2.28
N GLN A 52 5.01 -10.19 3.39
CA GLN A 52 4.73 -10.77 4.70
C GLN A 52 3.28 -11.20 4.83
N ARG A 53 2.37 -10.31 4.47
CA ARG A 53 0.95 -10.52 4.67
C ARG A 53 0.38 -11.52 3.66
N LEU A 54 0.78 -11.38 2.41
CA LEU A 54 0.23 -12.18 1.32
C LEU A 54 1.00 -13.48 1.13
N LYS A 55 2.25 -13.48 1.56
CA LYS A 55 3.15 -14.62 1.36
C LYS A 55 3.24 -14.98 -0.12
N ASP A 56 3.25 -13.95 -0.96
CA ASP A 56 3.27 -14.14 -2.41
C ASP A 56 4.00 -12.98 -3.06
N TYR A 57 5.17 -13.26 -3.61
CA TYR A 57 6.02 -12.23 -4.20
C TYR A 57 5.38 -11.59 -5.42
N ASP A 58 4.71 -12.41 -6.22
CA ASP A 58 4.10 -11.93 -7.45
C ASP A 58 3.02 -10.91 -7.16
N GLU A 59 2.11 -11.26 -6.27
CA GLU A 59 0.99 -10.39 -5.95
C GLU A 59 1.46 -9.16 -5.21
N ALA A 60 2.48 -9.33 -4.38
CA ALA A 60 3.02 -8.23 -3.61
C ALA A 60 3.67 -7.20 -4.52
N ASN A 61 4.34 -7.70 -5.54
CA ASN A 61 5.02 -6.86 -6.51
C ASN A 61 3.98 -6.14 -7.37
N LYS A 62 2.99 -6.89 -7.83
CA LYS A 62 1.91 -6.34 -8.63
C LYS A 62 1.18 -5.23 -7.88
N LEU A 63 0.98 -5.43 -6.58
CA LEU A 63 0.27 -4.46 -5.77
C LEU A 63 1.15 -3.23 -5.53
N ARG A 64 2.45 -3.46 -5.35
CA ARG A 64 3.40 -2.36 -5.22
C ARG A 64 3.32 -1.44 -6.43
N VAL A 65 3.20 -2.05 -7.61
CA VAL A 65 3.13 -1.30 -8.86
C VAL A 65 1.80 -0.57 -8.95
N LEU A 66 0.74 -1.32 -8.70
CA LEU A 66 -0.62 -0.82 -8.78
C LEU A 66 -0.82 0.39 -7.87
N PHE A 67 -0.40 0.23 -6.63
CA PHE A 67 -0.52 1.27 -5.63
C PHE A 67 0.35 2.46 -6.00
N LYS A 68 1.54 2.19 -6.53
CA LYS A 68 2.44 3.27 -6.94
C LYS A 68 1.84 4.08 -8.07
N GLU A 69 1.14 3.41 -8.97
CA GLU A 69 0.54 4.09 -10.12
C GLU A 69 -0.66 4.89 -9.66
N ALA A 70 -1.34 4.38 -8.63
CA ALA A 70 -2.45 5.08 -8.03
C ALA A 70 -1.98 6.37 -7.38
N TRP A 71 -0.86 6.27 -6.68
CA TRP A 71 -0.23 7.40 -6.04
C TRP A 71 0.24 8.40 -7.09
N ARG A 72 0.79 7.88 -8.18
CA ARG A 72 1.23 8.70 -9.29
C ARG A 72 0.07 9.44 -9.93
N SER A 73 -1.07 8.77 -10.04
CA SER A 73 -2.26 9.37 -10.64
C SER A 73 -2.91 10.39 -9.70
N SER A 74 -2.37 10.49 -8.49
CA SER A 74 -2.89 11.44 -7.51
C SER A 74 -2.36 12.84 -7.82
N PHE A 75 -1.39 12.91 -8.71
CA PHE A 75 -0.81 14.17 -9.13
C PHE A 75 -1.39 14.59 -10.47
N PRO B 31 -5.98 -17.69 3.91
CA PRO B 31 -5.82 -16.72 2.80
C PRO B 31 -4.81 -17.23 1.79
N SER B 32 -4.65 -16.52 0.68
CA SER B 32 -3.71 -16.92 -0.35
C SER B 32 -3.30 -15.72 -1.21
N GLY B 33 -2.59 -14.79 -0.59
CA GLY B 33 -2.06 -13.63 -1.30
C GLY B 33 -3.08 -12.81 -2.06
N GLU B 34 -4.28 -12.66 -1.51
CA GLU B 34 -5.32 -11.84 -2.15
C GLU B 34 -6.54 -11.77 -1.24
N SER B 35 -6.97 -12.92 -0.75
CA SER B 35 -8.08 -13.00 0.17
C SER B 35 -7.79 -12.21 1.45
N VAL B 36 -6.52 -12.13 1.81
CA VAL B 36 -6.11 -11.33 2.96
C VAL B 36 -6.14 -9.85 2.61
N VAL B 37 -5.89 -9.54 1.34
CA VAL B 37 -5.94 -8.16 0.86
C VAL B 37 -7.37 -7.66 0.87
N ALA B 38 -8.29 -8.60 0.81
CA ALA B 38 -9.70 -8.27 0.77
C ALA B 38 -10.26 -8.03 2.16
N THR B 39 -9.38 -7.91 3.16
CA THR B 39 -9.82 -7.76 4.53
C THR B 39 -9.60 -6.33 5.01
N GLU B 40 -10.46 -5.91 5.92
CA GLU B 40 -10.35 -4.59 6.51
C GLU B 40 -9.06 -4.49 7.33
N ALA B 41 -8.69 -5.61 7.94
CA ALA B 41 -7.47 -5.71 8.72
C ALA B 41 -6.23 -5.47 7.86
N PHE B 42 -6.27 -5.91 6.61
CA PHE B 42 -5.15 -5.69 5.70
C PHE B 42 -4.95 -4.21 5.46
N TRP B 43 -6.04 -3.54 5.09
CA TRP B 43 -5.97 -2.12 4.79
C TRP B 43 -5.68 -1.30 6.04
N ASP B 44 -6.12 -1.79 7.18
CA ASP B 44 -5.85 -1.14 8.45
C ASP B 44 -4.36 -1.20 8.77
N ASP B 45 -3.77 -2.36 8.56
CA ASP B 45 -2.35 -2.56 8.83
C ASP B 45 -1.51 -1.83 7.79
N LEU B 46 -2.02 -1.82 6.56
CA LEU B 46 -1.42 -1.09 5.45
C LEU B 46 -1.32 0.38 5.81
N GLN B 47 -2.43 0.93 6.30
CA GLN B 47 -2.44 2.31 6.76
C GLN B 47 -1.57 2.47 8.00
N GLY B 48 -1.46 1.40 8.78
CA GLY B 48 -0.57 1.41 9.93
C GLY B 48 0.87 1.64 9.52
N PHE B 49 1.28 1.01 8.43
CA PHE B 49 2.61 1.21 7.87
C PHE B 49 2.74 2.63 7.35
N LEU B 50 1.67 3.12 6.75
CA LEU B 50 1.66 4.45 6.17
C LEU B 50 1.77 5.51 7.27
N GLU B 51 1.09 5.29 8.39
CA GLU B 51 1.15 6.19 9.52
C GLU B 51 2.55 6.21 10.11
N GLN B 52 3.15 5.04 10.26
CA GLN B 52 4.52 4.94 10.78
C GLN B 52 5.52 5.66 9.87
N ARG B 53 5.43 5.40 8.57
CA ARG B 53 6.40 5.90 7.62
C ARG B 53 6.18 7.40 7.34
N LEU B 54 4.93 7.78 7.16
CA LEU B 54 4.59 9.14 6.77
C LEU B 54 4.42 10.07 7.97
N LYS B 55 4.11 9.46 9.11
CA LYS B 55 3.82 10.20 10.34
C LYS B 55 2.71 11.21 10.11
N ASP B 56 1.72 10.80 9.32
CA ASP B 56 0.61 11.68 8.95
C ASP B 56 -0.65 10.84 8.73
N TYR B 57 -1.60 10.99 9.63
CA TYR B 57 -2.83 10.20 9.60
C TYR B 57 -3.66 10.48 8.36
N ASP B 58 -3.71 11.75 7.97
CA ASP B 58 -4.52 12.17 6.84
C ASP B 58 -4.04 11.52 5.55
N GLU B 59 -2.73 11.63 5.30
CA GLU B 59 -2.15 11.12 4.07
C GLU B 59 -2.18 9.60 4.07
N ALA B 60 -2.00 9.02 5.24
CA ALA B 60 -1.98 7.57 5.38
C ALA B 60 -3.36 7.00 5.07
N ASN B 61 -4.38 7.72 5.52
CA ASN B 61 -5.76 7.31 5.30
C ASN B 61 -6.13 7.47 3.84
N LYS B 62 -5.75 8.62 3.28
CA LYS B 62 -5.99 8.90 1.86
C LYS B 62 -5.35 7.85 0.97
N LEU B 63 -4.14 7.43 1.34
CA LEU B 63 -3.42 6.44 0.55
C LEU B 63 -4.05 5.06 0.71
N ARG B 64 -4.52 4.76 1.92
CA ARG B 64 -5.24 3.51 2.17
C ARG B 64 -6.44 3.40 1.24
N VAL B 65 -7.13 4.53 1.07
CA VAL B 65 -8.32 4.57 0.23
C VAL B 65 -7.92 4.43 -1.24
N LEU B 66 -6.94 5.24 -1.63
CA LEU B 66 -6.46 5.28 -3.00
C LEU B 66 -5.97 3.91 -3.45
N PHE B 67 -5.16 3.29 -2.62
CA PHE B 67 -4.61 1.98 -2.92
C PHE B 67 -5.71 0.93 -2.95
N LYS B 68 -6.68 1.05 -2.05
CA LYS B 68 -7.78 0.11 -2.00
C LYS B 68 -8.62 0.21 -3.27
N GLU B 69 -8.78 1.42 -3.79
CA GLU B 69 -9.59 1.64 -4.98
C GLU B 69 -8.83 1.13 -6.20
N ALA B 70 -7.52 1.21 -6.14
CA ALA B 70 -6.66 0.69 -7.19
C ALA B 70 -6.78 -0.82 -7.24
N TRP B 71 -6.76 -1.43 -6.06
CA TRP B 71 -6.92 -2.87 -5.93
C TRP B 71 -8.32 -3.29 -6.40
N ARG B 72 -9.31 -2.48 -6.06
CA ARG B 72 -10.68 -2.73 -6.49
C ARG B 72 -10.79 -2.66 -8.00
N SER B 73 -10.08 -1.71 -8.61
CA SER B 73 -10.12 -1.53 -10.06
C SER B 73 -9.34 -2.63 -10.78
N SER B 74 -8.69 -3.49 -10.01
CA SER B 74 -7.92 -4.58 -10.57
C SER B 74 -8.87 -5.73 -10.96
N PHE B 75 -10.10 -5.63 -10.51
CA PHE B 75 -11.12 -6.62 -10.83
C PHE B 75 -12.01 -6.12 -11.95
N PRO A 31 10.27 13.02 7.18
CA PRO A 31 9.28 13.52 6.19
C PRO A 31 7.89 13.49 6.79
N SER A 32 6.96 14.18 6.15
CA SER A 32 5.60 14.28 6.66
C SER A 32 4.59 14.04 5.53
N GLY A 33 4.53 12.82 5.05
CA GLY A 33 3.56 12.46 4.04
C GLY A 33 4.17 12.03 2.72
N GLU A 34 3.90 12.81 1.68
CA GLU A 34 4.22 12.44 0.31
C GLU A 34 5.71 12.20 0.08
N SER A 35 6.55 13.04 0.67
CA SER A 35 7.99 12.99 0.45
C SER A 35 8.56 11.58 0.66
N VAL A 36 8.10 10.88 1.68
CA VAL A 36 8.63 9.55 1.96
C VAL A 36 7.97 8.52 1.04
N VAL A 37 6.75 8.80 0.61
CA VAL A 37 6.05 7.92 -0.31
C VAL A 37 6.72 7.95 -1.67
N ALA A 38 7.43 9.02 -1.93
CA ALA A 38 8.11 9.20 -3.21
C ALA A 38 9.45 8.50 -3.24
N THR A 39 9.71 7.64 -2.26
CA THR A 39 11.01 6.99 -2.17
C THR A 39 10.91 5.54 -2.58
N GLU A 40 11.96 5.04 -3.20
CA GLU A 40 12.01 3.65 -3.61
C GLU A 40 12.01 2.75 -2.39
N ALA A 41 12.60 3.25 -1.30
CA ALA A 41 12.61 2.54 -0.02
C ALA A 41 11.20 2.36 0.51
N PHE A 42 10.34 3.35 0.31
CA PHE A 42 8.96 3.26 0.77
C PHE A 42 8.26 2.10 0.09
N TRP A 43 8.36 2.07 -1.23
CA TRP A 43 7.73 1.03 -2.02
C TRP A 43 8.39 -0.32 -1.80
N ASP A 44 9.68 -0.30 -1.47
CA ASP A 44 10.40 -1.52 -1.15
C ASP A 44 9.83 -2.16 0.12
N ASP A 45 9.67 -1.36 1.15
CA ASP A 45 9.12 -1.85 2.42
C ASP A 45 7.63 -2.12 2.30
N LEU A 46 6.95 -1.32 1.50
CA LEU A 46 5.53 -1.51 1.22
C LEU A 46 5.32 -2.89 0.61
N GLN A 47 6.15 -3.22 -0.38
CA GLN A 47 6.11 -4.53 -0.99
C GLN A 47 6.54 -5.59 0.02
N GLY A 48 7.49 -5.24 0.88
CA GLY A 48 7.94 -6.15 1.93
C GLY A 48 6.80 -6.57 2.83
N PHE A 49 5.96 -5.60 3.19
CA PHE A 49 4.81 -5.87 4.04
C PHE A 49 3.81 -6.72 3.27
N LEU A 50 3.69 -6.44 1.99
CA LEU A 50 2.80 -7.20 1.12
C LEU A 50 3.29 -8.64 0.98
N GLU A 51 4.60 -8.83 0.97
CA GLU A 51 5.18 -10.15 0.89
C GLU A 51 4.84 -10.95 2.14
N GLN A 52 5.06 -10.34 3.30
CA GLN A 52 4.81 -11.00 4.57
C GLN A 52 3.32 -11.30 4.77
N ARG A 53 2.48 -10.35 4.41
CA ARG A 53 1.04 -10.47 4.60
C ARG A 53 0.43 -11.45 3.59
N LEU A 54 0.74 -11.23 2.32
CA LEU A 54 0.15 -12.01 1.24
C LEU A 54 0.81 -13.37 1.10
N LYS A 55 2.03 -13.47 1.61
CA LYS A 55 2.83 -14.68 1.50
C LYS A 55 3.14 -15.01 0.03
N ASP A 56 3.27 -13.95 -0.78
CA ASP A 56 3.46 -14.12 -2.20
C ASP A 56 4.13 -12.88 -2.80
N TYR A 57 5.31 -13.08 -3.37
CA TYR A 57 6.09 -11.99 -3.93
C TYR A 57 5.44 -11.42 -5.19
N ASP A 58 4.85 -12.28 -5.99
CA ASP A 58 4.26 -11.86 -7.26
C ASP A 58 3.10 -10.90 -7.05
N GLU A 59 2.19 -11.28 -6.16
CA GLU A 59 1.03 -10.45 -5.87
C GLU A 59 1.46 -9.18 -5.14
N ALA A 60 2.53 -9.31 -4.37
CA ALA A 60 3.07 -8.18 -3.64
C ALA A 60 3.65 -7.15 -4.61
N ASN A 61 4.28 -7.66 -5.66
CA ASN A 61 4.84 -6.82 -6.70
C ASN A 61 3.73 -6.16 -7.49
N LYS A 62 2.71 -6.94 -7.84
CA LYS A 62 1.57 -6.44 -8.57
C LYS A 62 0.89 -5.31 -7.81
N LEU A 63 0.77 -5.47 -6.51
CA LEU A 63 0.13 -4.47 -5.69
C LEU A 63 1.04 -3.26 -5.53
N ARG A 64 2.33 -3.49 -5.43
CA ARG A 64 3.30 -2.40 -5.31
C ARG A 64 3.21 -1.48 -6.52
N VAL A 65 3.12 -2.08 -7.69
CA VAL A 65 3.05 -1.33 -8.94
C VAL A 65 1.71 -0.63 -9.04
N LEU A 66 0.66 -1.39 -8.75
CA LEU A 66 -0.71 -0.90 -8.83
C LEU A 66 -0.90 0.30 -7.92
N PHE A 67 -0.47 0.17 -6.68
CA PHE A 67 -0.61 1.21 -5.69
C PHE A 67 0.27 2.41 -6.06
N LYS A 68 1.44 2.14 -6.60
CA LYS A 68 2.36 3.21 -6.97
C LYS A 68 1.80 4.01 -8.15
N GLU A 69 1.10 3.34 -9.04
CA GLU A 69 0.50 4.01 -10.18
C GLU A 69 -0.73 4.79 -9.74
N ALA A 70 -1.36 4.29 -8.68
CA ALA A 70 -2.49 4.98 -8.07
C ALA A 70 -1.99 6.25 -7.40
N TRP A 71 -0.83 6.13 -6.78
CA TRP A 71 -0.16 7.25 -6.13
C TRP A 71 0.26 8.27 -7.18
N ARG A 72 0.73 7.78 -8.32
CA ARG A 72 1.03 8.63 -9.46
C ARG A 72 -0.20 9.41 -9.89
N SER A 73 -1.35 8.73 -9.89
CA SER A 73 -2.60 9.35 -10.29
C SER A 73 -3.13 10.30 -9.22
N SER A 74 -2.50 10.29 -8.05
CA SER A 74 -2.91 11.15 -6.95
C SER A 74 -2.46 12.58 -7.20
N PHE A 75 -1.57 12.75 -8.16
CA PHE A 75 -1.09 14.08 -8.52
C PHE A 75 -1.93 14.67 -9.64
N PRO B 31 -3.54 -17.25 3.96
CA PRO B 31 -3.96 -16.85 2.60
C PRO B 31 -2.75 -16.70 1.69
N SER B 32 -2.98 -16.66 0.40
CA SER B 32 -1.90 -16.58 -0.56
C SER B 32 -2.19 -15.53 -1.63
N GLY B 33 -2.19 -14.27 -1.21
CA GLY B 33 -2.39 -13.18 -2.14
C GLY B 33 -3.63 -12.35 -1.87
N GLU B 34 -4.55 -12.37 -2.82
CA GLU B 34 -5.70 -11.47 -2.83
C GLU B 34 -6.59 -11.63 -1.60
N SER B 35 -6.81 -12.86 -1.16
CA SER B 35 -7.72 -13.15 -0.05
C SER B 35 -7.42 -12.30 1.18
N VAL B 36 -6.16 -12.10 1.51
CA VAL B 36 -5.80 -11.32 2.69
C VAL B 36 -5.89 -9.83 2.39
N VAL B 37 -5.68 -9.47 1.13
CA VAL B 37 -5.79 -8.07 0.71
C VAL B 37 -7.24 -7.61 0.78
N ALA B 38 -8.14 -8.57 0.72
CA ALA B 38 -9.56 -8.28 0.74
C ALA B 38 -10.08 -8.10 2.16
N THR B 39 -9.17 -7.98 3.12
CA THR B 39 -9.58 -7.90 4.52
C THR B 39 -9.41 -6.49 5.04
N GLU B 40 -10.31 -6.09 5.92
CA GLU B 40 -10.25 -4.78 6.54
C GLU B 40 -8.99 -4.67 7.39
N ALA B 41 -8.59 -5.79 7.97
CA ALA B 41 -7.37 -5.86 8.75
C ALA B 41 -6.14 -5.56 7.90
N PHE B 42 -6.15 -6.00 6.64
CA PHE B 42 -5.03 -5.73 5.74
C PHE B 42 -4.87 -4.24 5.54
N TRP B 43 -5.97 -3.59 5.21
CA TRP B 43 -5.97 -2.16 4.97
C TRP B 43 -5.73 -1.38 6.26
N ASP B 44 -6.13 -1.94 7.38
CA ASP B 44 -5.89 -1.34 8.68
C ASP B 44 -4.39 -1.28 8.95
N ASP B 45 -3.72 -2.40 8.77
CA ASP B 45 -2.28 -2.48 9.00
C ASP B 45 -1.51 -1.75 7.90
N LEU B 46 -2.04 -1.79 6.69
CA LEU B 46 -1.47 -1.06 5.57
C LEU B 46 -1.43 0.43 5.89
N GLN B 47 -2.55 0.95 6.39
CA GLN B 47 -2.62 2.33 6.83
C GLN B 47 -1.72 2.54 8.03
N GLY B 48 -1.63 1.53 8.90
CA GLY B 48 -0.76 1.61 10.05
C GLY B 48 0.69 1.83 9.66
N PHE B 49 1.13 1.12 8.63
CA PHE B 49 2.48 1.27 8.11
C PHE B 49 2.64 2.65 7.50
N LEU B 50 1.60 3.11 6.84
CA LEU B 50 1.59 4.42 6.22
C LEU B 50 1.66 5.51 7.29
N GLU B 51 1.02 5.28 8.42
CA GLU B 51 1.06 6.21 9.53
C GLU B 51 2.48 6.33 10.08
N GLN B 52 3.10 5.19 10.32
CA GLN B 52 4.45 5.15 10.89
C GLN B 52 5.47 5.74 9.92
N ARG B 53 5.33 5.41 8.65
CA ARG B 53 6.27 5.86 7.62
C ARG B 53 6.08 7.34 7.28
N LEU B 54 4.84 7.72 7.01
CA LEU B 54 4.51 9.07 6.58
C LEU B 54 4.46 10.04 7.75
N LYS B 55 4.26 9.49 8.94
CA LYS B 55 4.13 10.28 10.16
C LYS B 55 2.91 11.19 10.07
N ASP B 56 1.87 10.71 9.39
CA ASP B 56 0.67 11.51 9.16
C ASP B 56 -0.52 10.59 8.87
N TYR B 57 -1.53 10.69 9.73
CA TYR B 57 -2.72 9.85 9.61
C TYR B 57 -3.55 10.20 8.38
N ASP B 58 -3.63 11.49 8.08
CA ASP B 58 -4.46 11.98 6.99
C ASP B 58 -3.98 11.44 5.65
N GLU B 59 -2.69 11.57 5.40
CA GLU B 59 -2.10 11.11 4.14
C GLU B 59 -2.11 9.60 4.10
N ALA B 60 -2.02 8.98 5.26
CA ALA B 60 -2.06 7.52 5.37
C ALA B 60 -3.44 7.01 4.99
N ASN B 61 -4.46 7.75 5.40
CA ASN B 61 -5.83 7.43 5.08
C ASN B 61 -6.09 7.62 3.60
N LYS B 62 -5.60 8.74 3.07
CA LYS B 62 -5.74 9.06 1.65
C LYS B 62 -5.12 7.98 0.80
N LEU B 63 -3.96 7.49 1.21
CA LEU B 63 -3.27 6.45 0.47
C LEU B 63 -3.98 5.12 0.63
N ARG B 64 -4.51 4.86 1.82
CA ARG B 64 -5.24 3.62 2.07
C ARG B 64 -6.44 3.52 1.14
N VAL B 65 -7.15 4.63 0.98
CA VAL B 65 -8.34 4.67 0.14
C VAL B 65 -7.92 4.56 -1.32
N LEU B 66 -6.92 5.35 -1.68
CA LEU B 66 -6.42 5.42 -3.04
C LEU B 66 -5.96 4.04 -3.51
N PHE B 67 -5.16 3.40 -2.68
CA PHE B 67 -4.61 2.09 -2.99
C PHE B 67 -5.71 1.04 -3.02
N LYS B 68 -6.67 1.17 -2.12
CA LYS B 68 -7.77 0.21 -2.06
C LYS B 68 -8.67 0.32 -3.28
N GLU B 69 -8.81 1.53 -3.81
CA GLU B 69 -9.61 1.74 -5.00
C GLU B 69 -8.85 1.27 -6.22
N ALA B 70 -7.53 1.34 -6.13
CA ALA B 70 -6.67 0.81 -7.17
C ALA B 70 -6.77 -0.71 -7.19
N TRP B 71 -6.84 -1.28 -6.00
CA TRP B 71 -7.00 -2.71 -5.83
C TRP B 71 -8.37 -3.13 -6.35
N ARG B 72 -9.37 -2.30 -6.11
CA ARG B 72 -10.70 -2.52 -6.67
C ARG B 72 -10.63 -2.56 -8.19
N SER B 73 -9.84 -1.66 -8.76
CA SER B 73 -9.69 -1.57 -10.20
C SER B 73 -8.85 -2.73 -10.76
N SER B 74 -8.23 -3.48 -9.87
CA SER B 74 -7.40 -4.61 -10.26
C SER B 74 -8.27 -5.79 -10.71
N PHE B 75 -9.56 -5.72 -10.41
CA PHE B 75 -10.49 -6.76 -10.80
C PHE B 75 -11.13 -6.41 -12.14
N PRO A 31 8.56 14.73 7.26
CA PRO A 31 7.74 14.50 6.05
C PRO A 31 6.26 14.44 6.41
N SER A 32 5.42 14.98 5.55
CA SER A 32 3.97 14.95 5.78
C SER A 32 3.28 14.12 4.71
N GLY A 33 3.77 12.89 4.55
CA GLY A 33 3.15 11.95 3.63
C GLY A 33 3.33 12.32 2.16
N GLU A 34 4.58 12.33 1.69
CA GLU A 34 4.85 12.62 0.29
C GLU A 34 6.27 12.24 -0.09
N SER A 35 7.25 12.92 0.51
CA SER A 35 8.66 12.72 0.18
C SER A 35 9.07 11.26 0.37
N VAL A 36 8.65 10.68 1.50
CA VAL A 36 8.98 9.29 1.78
C VAL A 36 8.27 8.36 0.81
N VAL A 37 7.05 8.71 0.42
CA VAL A 37 6.28 7.89 -0.50
C VAL A 37 6.90 7.93 -1.89
N ALA A 38 7.71 8.96 -2.13
CA ALA A 38 8.36 9.13 -3.41
C ALA A 38 9.70 8.42 -3.45
N THR A 39 9.98 7.57 -2.47
CA THR A 39 11.28 6.93 -2.38
C THR A 39 11.17 5.46 -2.77
N GLU A 40 12.29 4.89 -3.17
CA GLU A 40 12.35 3.47 -3.47
C GLU A 40 12.11 2.66 -2.21
N ALA A 41 12.66 3.15 -1.10
CA ALA A 41 12.57 2.50 0.20
C ALA A 41 11.12 2.31 0.64
N PHE A 42 10.28 3.29 0.37
CA PHE A 42 8.89 3.20 0.78
C PHE A 42 8.20 2.04 0.07
N TRP A 43 8.33 2.00 -1.24
CA TRP A 43 7.71 0.96 -2.04
C TRP A 43 8.35 -0.39 -1.82
N ASP A 44 9.64 -0.38 -1.48
CA ASP A 44 10.36 -1.61 -1.16
C ASP A 44 9.78 -2.26 0.10
N ASP A 45 9.66 -1.47 1.15
CA ASP A 45 9.12 -1.98 2.41
C ASP A 45 7.62 -2.21 2.31
N LEU A 46 6.95 -1.40 1.49
CA LEU A 46 5.53 -1.57 1.21
C LEU A 46 5.31 -2.96 0.61
N GLN A 47 6.13 -3.30 -0.36
CA GLN A 47 6.08 -4.62 -0.98
C GLN A 47 6.45 -5.70 0.04
N GLY A 48 7.40 -5.40 0.90
CA GLY A 48 7.77 -6.32 1.96
C GLY A 48 6.61 -6.65 2.87
N PHE A 49 5.82 -5.63 3.18
CA PHE A 49 4.63 -5.79 4.00
C PHE A 49 3.62 -6.66 3.27
N LEU A 50 3.51 -6.41 1.97
CA LEU A 50 2.62 -7.17 1.12
C LEU A 50 3.07 -8.63 1.05
N GLU A 51 4.37 -8.86 1.10
CA GLU A 51 4.90 -10.22 1.12
C GLU A 51 4.47 -10.93 2.40
N GLN A 52 4.62 -10.23 3.52
CA GLN A 52 4.26 -10.77 4.83
C GLN A 52 2.79 -11.18 4.89
N ARG A 53 1.92 -10.29 4.44
CA ARG A 53 0.48 -10.52 4.55
C ARG A 53 -0.04 -11.45 3.45
N LEU A 54 0.39 -11.20 2.21
CA LEU A 54 -0.16 -11.89 1.06
C LEU A 54 0.49 -13.25 0.85
N LYS A 55 1.69 -13.41 1.39
CA LYS A 55 2.46 -14.63 1.23
C LYS A 55 2.69 -14.92 -0.25
N ASP A 56 2.89 -13.86 -1.02
CA ASP A 56 3.05 -13.97 -2.46
C ASP A 56 3.81 -12.77 -2.98
N TYR A 57 5.04 -13.00 -3.42
CA TYR A 57 5.90 -11.92 -3.91
C TYR A 57 5.37 -11.34 -5.21
N ASP A 58 4.77 -12.19 -6.03
CA ASP A 58 4.30 -11.77 -7.35
C ASP A 58 3.17 -10.76 -7.23
N GLU A 59 2.15 -11.08 -6.43
CA GLU A 59 1.03 -10.19 -6.23
C GLU A 59 1.46 -8.98 -5.41
N ALA A 60 2.47 -9.18 -4.57
CA ALA A 60 3.00 -8.09 -3.77
C ALA A 60 3.66 -7.06 -4.67
N ASN A 61 4.31 -7.55 -5.72
CA ASN A 61 4.95 -6.70 -6.71
C ASN A 61 3.90 -5.97 -7.54
N LYS A 62 2.91 -6.73 -7.99
CA LYS A 62 1.81 -6.18 -8.78
C LYS A 62 1.09 -5.08 -8.03
N LEU A 63 0.91 -5.28 -6.73
CA LEU A 63 0.24 -4.30 -5.90
C LEU A 63 1.15 -3.10 -5.65
N ARG A 64 2.44 -3.37 -5.49
CA ARG A 64 3.42 -2.29 -5.31
C ARG A 64 3.36 -1.33 -6.49
N VAL A 65 3.28 -1.89 -7.69
CA VAL A 65 3.24 -1.10 -8.90
C VAL A 65 1.90 -0.38 -9.02
N LEU A 66 0.84 -1.15 -8.83
CA LEU A 66 -0.53 -0.66 -8.94
C LEU A 66 -0.77 0.50 -7.99
N PHE A 67 -0.36 0.31 -6.75
CA PHE A 67 -0.51 1.33 -5.72
C PHE A 67 0.34 2.54 -6.05
N LYS A 68 1.53 2.30 -6.59
CA LYS A 68 2.41 3.39 -6.96
C LYS A 68 1.82 4.20 -8.11
N GLU A 69 1.09 3.54 -9.00
CA GLU A 69 0.47 4.22 -10.12
C GLU A 69 -0.73 5.01 -9.64
N ALA A 70 -1.37 4.50 -8.60
CA ALA A 70 -2.49 5.19 -7.97
C ALA A 70 -1.99 6.43 -7.27
N TRP A 71 -0.86 6.29 -6.59
CA TRP A 71 -0.22 7.40 -5.90
C TRP A 71 0.23 8.45 -6.91
N ARG A 72 0.72 8.00 -8.05
CA ARG A 72 1.12 8.90 -9.12
C ARG A 72 -0.10 9.66 -9.65
N SER A 73 -1.25 9.00 -9.67
CA SER A 73 -2.48 9.62 -10.12
C SER A 73 -3.06 10.56 -9.06
N SER A 74 -2.47 10.54 -7.87
CA SER A 74 -2.87 11.45 -6.80
C SER A 74 -2.37 12.86 -7.10
N PHE A 75 -1.40 12.93 -8.00
CA PHE A 75 -0.86 14.21 -8.42
C PHE A 75 -1.53 14.64 -9.72
N PRO B 31 -3.10 -18.15 1.80
CA PRO B 31 -3.58 -17.12 0.86
C PRO B 31 -2.50 -16.80 -0.16
N SER B 32 -2.90 -16.56 -1.41
CA SER B 32 -1.97 -16.20 -2.46
C SER B 32 -2.20 -14.78 -2.94
N GLY B 33 -2.22 -13.86 -1.99
CA GLY B 33 -2.35 -12.45 -2.31
C GLY B 33 -3.71 -12.07 -2.83
N GLU B 34 -4.74 -12.22 -2.01
CA GLU B 34 -6.10 -11.82 -2.40
C GLU B 34 -7.02 -11.75 -1.19
N SER B 35 -7.26 -12.90 -0.56
CA SER B 35 -8.20 -13.00 0.54
C SER B 35 -7.83 -12.04 1.67
N VAL B 36 -6.54 -12.02 2.01
CA VAL B 36 -6.05 -11.13 3.07
C VAL B 36 -6.19 -9.67 2.66
N VAL B 37 -5.96 -9.39 1.37
CA VAL B 37 -6.05 -8.03 0.87
C VAL B 37 -7.49 -7.56 0.88
N ALA B 38 -8.40 -8.51 0.93
CA ALA B 38 -9.82 -8.20 0.93
C ALA B 38 -10.35 -8.00 2.34
N THR B 39 -9.46 -7.90 3.32
CA THR B 39 -9.88 -7.81 4.70
C THR B 39 -9.69 -6.40 5.23
N GLU B 40 -10.41 -6.07 6.29
CA GLU B 40 -10.26 -4.79 6.94
C GLU B 40 -8.88 -4.71 7.58
N ALA B 41 -8.44 -5.83 8.14
CA ALA B 41 -7.16 -5.92 8.82
C ALA B 41 -5.99 -5.55 7.92
N PHE B 42 -6.06 -5.96 6.66
CA PHE B 42 -4.97 -5.66 5.73
C PHE B 42 -4.83 -4.16 5.54
N TRP B 43 -5.94 -3.52 5.23
CA TRP B 43 -5.94 -2.08 4.98
C TRP B 43 -5.69 -1.29 6.26
N ASP B 44 -6.09 -1.86 7.38
CA ASP B 44 -5.85 -1.25 8.69
C ASP B 44 -4.35 -1.18 8.97
N ASP B 45 -3.68 -2.32 8.83
CA ASP B 45 -2.25 -2.37 9.07
C ASP B 45 -1.48 -1.67 7.96
N LEU B 46 -2.02 -1.72 6.75
CA LEU B 46 -1.44 -1.00 5.61
C LEU B 46 -1.39 0.48 5.93
N GLN B 47 -2.49 1.00 6.45
CA GLN B 47 -2.56 2.40 6.86
C GLN B 47 -1.62 2.65 8.04
N GLY B 48 -1.52 1.67 8.94
CA GLY B 48 -0.60 1.78 10.06
C GLY B 48 0.85 1.93 9.59
N PHE B 49 1.19 1.20 8.54
CA PHE B 49 2.53 1.28 7.95
C PHE B 49 2.73 2.65 7.33
N LEU B 50 1.66 3.14 6.70
CA LEU B 50 1.68 4.45 6.09
C LEU B 50 1.83 5.53 7.15
N GLU B 51 1.26 5.31 8.32
CA GLU B 51 1.41 6.23 9.44
C GLU B 51 2.87 6.28 9.88
N GLN B 52 3.48 5.11 10.02
CA GLN B 52 4.87 5.00 10.45
C GLN B 52 5.82 5.75 9.50
N ARG B 53 5.64 5.53 8.20
CA ARG B 53 6.54 6.09 7.21
C ARG B 53 6.22 7.54 6.89
N LEU B 54 4.94 7.83 6.70
CA LEU B 54 4.50 9.14 6.24
C LEU B 54 4.42 10.15 7.36
N LYS B 55 4.27 9.64 8.58
CA LYS B 55 4.09 10.48 9.76
C LYS B 55 2.89 11.40 9.59
N ASP B 56 1.85 10.86 8.95
CA ASP B 56 0.65 11.62 8.67
C ASP B 56 -0.53 10.69 8.49
N TYR B 57 -1.44 10.71 9.44
CA TYR B 57 -2.61 9.84 9.42
C TYR B 57 -3.55 10.18 8.28
N ASP B 58 -3.63 11.47 7.96
CA ASP B 58 -4.57 11.92 6.93
C ASP B 58 -4.18 11.39 5.56
N GLU B 59 -2.93 11.56 5.19
CA GLU B 59 -2.44 11.07 3.90
C GLU B 59 -2.37 9.55 3.91
N ALA B 60 -2.18 8.98 5.09
CA ALA B 60 -2.14 7.53 5.24
C ALA B 60 -3.51 6.96 4.93
N ASN B 61 -4.54 7.69 5.36
CA ASN B 61 -5.92 7.30 5.10
C ASN B 61 -6.25 7.46 3.63
N LYS B 62 -5.86 8.59 3.07
CA LYS B 62 -6.09 8.87 1.66
C LYS B 62 -5.45 7.82 0.78
N LEU B 63 -4.25 7.39 1.16
CA LEU B 63 -3.53 6.38 0.40
C LEU B 63 -4.16 5.01 0.61
N ARG B 64 -4.64 4.76 1.82
CA ARG B 64 -5.32 3.51 2.12
C ARG B 64 -6.53 3.33 1.20
N VAL B 65 -7.27 4.42 1.02
CA VAL B 65 -8.47 4.40 0.19
C VAL B 65 -8.06 4.28 -1.28
N LEU B 66 -7.13 5.13 -1.67
CA LEU B 66 -6.65 5.20 -3.05
C LEU B 66 -6.12 3.85 -3.51
N PHE B 67 -5.28 3.26 -2.68
CA PHE B 67 -4.69 1.97 -2.98
C PHE B 67 -5.76 0.89 -3.01
N LYS B 68 -6.75 1.00 -2.12
CA LYS B 68 -7.83 0.04 -2.09
C LYS B 68 -8.67 0.13 -3.36
N GLU B 69 -8.80 1.33 -3.89
CA GLU B 69 -9.57 1.55 -5.10
C GLU B 69 -8.80 1.02 -6.30
N ALA B 70 -7.48 1.11 -6.21
CA ALA B 70 -6.61 0.58 -7.25
C ALA B 70 -6.68 -0.95 -7.25
N TRP B 71 -6.69 -1.51 -6.05
CA TRP B 71 -6.82 -2.95 -5.87
C TRP B 71 -8.17 -3.42 -6.37
N ARG B 72 -9.20 -2.63 -6.13
CA ARG B 72 -10.53 -2.95 -6.62
C ARG B 72 -10.54 -2.93 -8.14
N SER B 73 -9.75 -2.04 -8.74
CA SER B 73 -9.67 -1.93 -10.18
C SER B 73 -8.79 -3.05 -10.76
N SER B 74 -8.16 -3.82 -9.89
CA SER B 74 -7.35 -4.96 -10.32
C SER B 74 -8.29 -6.11 -10.73
N PHE B 75 -9.53 -6.01 -10.29
CA PHE B 75 -10.54 -6.99 -10.65
C PHE B 75 -11.36 -6.49 -11.83
N PRO A 31 8.92 14.16 7.44
CA PRO A 31 8.05 14.14 6.25
C PRO A 31 6.59 14.00 6.65
N SER A 32 5.69 14.43 5.78
CA SER A 32 4.26 14.31 6.03
C SER A 32 3.58 13.64 4.85
N GLY A 33 3.98 12.41 4.57
CA GLY A 33 3.37 11.64 3.51
C GLY A 33 3.57 12.20 2.11
N GLU A 34 4.82 12.28 1.68
CA GLU A 34 5.12 12.64 0.29
C GLU A 34 6.56 12.30 -0.08
N SER A 35 7.50 13.06 0.47
CA SER A 35 8.92 12.88 0.16
C SER A 35 9.35 11.43 0.33
N VAL A 36 8.98 10.82 1.45
CA VAL A 36 9.35 9.43 1.72
C VAL A 36 8.61 8.49 0.77
N VAL A 37 7.39 8.85 0.40
CA VAL A 37 6.58 8.00 -0.48
C VAL A 37 7.18 7.99 -1.88
N ALA A 38 7.95 9.02 -2.19
CA ALA A 38 8.56 9.16 -3.50
C ALA A 38 9.88 8.41 -3.59
N THR A 39 10.18 7.56 -2.61
CA THR A 39 11.46 6.88 -2.56
C THR A 39 11.30 5.41 -2.89
N GLU A 40 12.37 4.80 -3.37
CA GLU A 40 12.40 3.37 -3.62
C GLU A 40 12.27 2.64 -2.30
N ALA A 41 12.82 3.24 -1.26
CA ALA A 41 12.77 2.69 0.08
C ALA A 41 11.34 2.49 0.57
N PHE A 42 10.47 3.46 0.30
CA PHE A 42 9.09 3.37 0.73
C PHE A 42 8.39 2.21 0.06
N TRP A 43 8.51 2.14 -1.25
CA TRP A 43 7.85 1.11 -2.03
C TRP A 43 8.47 -0.25 -1.76
N ASP A 44 9.74 -0.25 -1.42
CA ASP A 44 10.44 -1.47 -1.03
C ASP A 44 9.85 -2.04 0.24
N ASP A 45 9.68 -1.19 1.25
CA ASP A 45 9.10 -1.62 2.52
C ASP A 45 7.61 -1.90 2.36
N LEU A 46 6.96 -1.13 1.50
CA LEU A 46 5.55 -1.31 1.20
C LEU A 46 5.31 -2.70 0.63
N GLN A 47 6.13 -3.08 -0.34
CA GLN A 47 6.04 -4.42 -0.91
C GLN A 47 6.47 -5.46 0.12
N GLY A 48 7.45 -5.11 0.94
CA GLY A 48 7.90 -6.02 1.99
C GLY A 48 6.77 -6.38 2.93
N PHE A 49 5.96 -5.38 3.27
CA PHE A 49 4.82 -5.59 4.14
C PHE A 49 3.78 -6.43 3.40
N LEU A 50 3.64 -6.17 2.11
CA LEU A 50 2.68 -6.89 1.29
C LEU A 50 3.10 -8.36 1.16
N GLU A 51 4.39 -8.61 1.07
CA GLU A 51 4.91 -9.96 1.00
C GLU A 51 4.60 -10.72 2.28
N GLN A 52 4.87 -10.08 3.41
CA GLN A 52 4.65 -10.71 4.71
C GLN A 52 3.16 -10.93 4.98
N ARG A 53 2.36 -9.93 4.67
CA ARG A 53 0.93 -9.98 4.96
C ARG A 53 0.19 -10.90 3.99
N LEU A 54 0.46 -10.73 2.70
CA LEU A 54 -0.22 -11.48 1.65
C LEU A 54 0.31 -12.90 1.52
N LYS A 55 1.54 -13.09 2.00
CA LYS A 55 2.23 -14.36 1.91
C LYS A 55 2.47 -14.74 0.45
N ASP A 56 2.67 -13.73 -0.39
CA ASP A 56 2.83 -13.93 -1.83
C ASP A 56 3.63 -12.79 -2.44
N TYR A 57 4.77 -13.12 -3.00
CA TYR A 57 5.65 -12.14 -3.62
C TYR A 57 5.04 -11.53 -4.89
N ASP A 58 4.39 -12.36 -5.69
CA ASP A 58 3.87 -11.92 -6.98
C ASP A 58 2.83 -10.82 -6.81
N GLU A 59 1.85 -11.07 -5.95
CA GLU A 59 0.77 -10.11 -5.74
C GLU A 59 1.29 -8.89 -5.00
N ALA A 60 2.32 -9.09 -4.19
CA ALA A 60 2.90 -8.00 -3.42
C ALA A 60 3.58 -7.02 -4.36
N ASN A 61 4.25 -7.57 -5.36
CA ASN A 61 4.94 -6.76 -6.36
C ASN A 61 3.92 -6.05 -7.23
N LYS A 62 2.91 -6.80 -7.66
CA LYS A 62 1.85 -6.27 -8.49
C LYS A 62 1.11 -5.13 -7.80
N LEU A 63 0.88 -5.28 -6.51
CA LEU A 63 0.19 -4.26 -5.75
C LEU A 63 1.08 -3.05 -5.54
N ARG A 64 2.37 -3.30 -5.34
CA ARG A 64 3.34 -2.22 -5.20
C ARG A 64 3.30 -1.32 -6.44
N VAL A 65 3.20 -1.96 -7.61
CA VAL A 65 3.18 -1.24 -8.87
C VAL A 65 1.85 -0.51 -9.03
N LEU A 66 0.78 -1.25 -8.81
CA LEU A 66 -0.57 -0.73 -8.94
C LEU A 66 -0.78 0.49 -8.05
N PHE A 67 -0.40 0.34 -6.79
CA PHE A 67 -0.56 1.39 -5.81
C PHE A 67 0.31 2.59 -6.17
N LYS A 68 1.50 2.32 -6.71
CA LYS A 68 2.39 3.39 -7.11
C LYS A 68 1.83 4.15 -8.31
N GLU A 69 1.07 3.46 -9.15
CA GLU A 69 0.46 4.10 -10.31
C GLU A 69 -0.69 4.98 -9.84
N ALA A 70 -1.36 4.53 -8.79
CA ALA A 70 -2.45 5.29 -8.19
C ALA A 70 -1.90 6.55 -7.52
N TRP A 71 -0.77 6.38 -6.86
CA TRP A 71 -0.07 7.48 -6.22
C TRP A 71 0.41 8.49 -7.26
N ARG A 72 0.94 7.97 -8.37
CA ARG A 72 1.39 8.80 -9.46
C ARG A 72 0.23 9.57 -10.08
N SER A 73 -0.93 8.93 -10.19
CA SER A 73 -2.11 9.54 -10.77
C SER A 73 -2.73 10.58 -9.83
N SER A 74 -2.18 10.68 -8.63
CA SER A 74 -2.68 11.64 -7.65
C SER A 74 -2.02 13.00 -7.86
N PHE A 75 -1.00 13.03 -8.71
CA PHE A 75 -0.34 14.27 -9.05
C PHE A 75 -0.80 14.75 -10.42
N PRO B 31 -2.90 -17.89 2.37
CA PRO B 31 -3.41 -17.00 1.30
C PRO B 31 -2.29 -16.65 0.34
N SER B 32 -2.65 -16.29 -0.89
CA SER B 32 -1.67 -15.88 -1.88
C SER B 32 -2.05 -14.53 -2.48
N GLY B 33 -2.12 -13.53 -1.62
CA GLY B 33 -2.41 -12.17 -2.07
C GLY B 33 -3.81 -12.00 -2.65
N GLU B 34 -4.83 -12.22 -1.83
CA GLU B 34 -6.20 -11.92 -2.24
C GLU B 34 -7.13 -11.89 -1.04
N SER B 35 -7.42 -13.07 -0.49
CA SER B 35 -8.35 -13.20 0.62
C SER B 35 -8.01 -12.24 1.76
N VAL B 36 -6.74 -12.21 2.15
CA VAL B 36 -6.30 -11.33 3.23
C VAL B 36 -6.39 -9.86 2.81
N VAL B 37 -6.17 -9.59 1.54
CA VAL B 37 -6.20 -8.22 1.03
C VAL B 37 -7.62 -7.69 1.04
N ALA B 38 -8.58 -8.60 1.03
CA ALA B 38 -9.98 -8.25 1.01
C ALA B 38 -10.53 -8.00 2.41
N THR B 39 -9.64 -7.90 3.40
CA THR B 39 -10.06 -7.77 4.78
C THR B 39 -9.80 -6.36 5.29
N GLU B 40 -10.57 -5.97 6.31
CA GLU B 40 -10.35 -4.68 6.96
C GLU B 40 -9.01 -4.70 7.66
N ALA B 41 -8.64 -5.89 8.14
CA ALA B 41 -7.37 -6.10 8.83
C ALA B 41 -6.18 -5.75 7.94
N PHE B 42 -6.24 -6.13 6.67
CA PHE B 42 -5.14 -5.84 5.76
C PHE B 42 -4.98 -4.35 5.57
N TRP B 43 -6.08 -3.69 5.27
CA TRP B 43 -6.03 -2.25 5.01
C TRP B 43 -5.74 -1.48 6.29
N ASP B 44 -6.13 -2.04 7.41
CA ASP B 44 -5.82 -1.47 8.71
C ASP B 44 -4.32 -1.46 8.94
N ASP B 45 -3.68 -2.59 8.73
CA ASP B 45 -2.23 -2.70 8.89
C ASP B 45 -1.51 -1.95 7.80
N LEU B 46 -2.09 -1.94 6.61
CA LEU B 46 -1.54 -1.21 5.48
C LEU B 46 -1.45 0.27 5.80
N GLN B 47 -2.54 0.82 6.33
CA GLN B 47 -2.54 2.21 6.74
C GLN B 47 -1.65 2.40 7.95
N GLY B 48 -1.60 1.41 8.83
CA GLY B 48 -0.72 1.49 9.98
C GLY B 48 0.72 1.65 9.57
N PHE B 49 1.12 0.92 8.54
CA PHE B 49 2.47 1.01 8.01
C PHE B 49 2.67 2.37 7.37
N LEU B 50 1.64 2.85 6.70
CA LEU B 50 1.69 4.14 6.05
C LEU B 50 1.81 5.26 7.07
N GLU B 51 1.14 5.11 8.20
CA GLU B 51 1.22 6.09 9.27
C GLU B 51 2.63 6.15 9.82
N GLN B 52 3.21 4.99 10.10
CA GLN B 52 4.55 4.91 10.67
C GLN B 52 5.60 5.41 9.68
N ARG B 53 5.48 5.01 8.42
CA ARG B 53 6.46 5.34 7.41
C ARG B 53 6.35 6.79 6.97
N LEU B 54 5.13 7.22 6.67
CA LEU B 54 4.87 8.56 6.16
C LEU B 54 4.91 9.61 7.26
N LYS B 55 4.71 9.15 8.49
CA LYS B 55 4.66 10.01 9.67
C LYS B 55 3.48 10.98 9.56
N ASP B 56 2.40 10.52 8.93
CA ASP B 56 1.23 11.36 8.70
C ASP B 56 -0.02 10.50 8.54
N TYR B 57 -0.97 10.69 9.44
CA TYR B 57 -2.22 9.93 9.44
C TYR B 57 -3.08 10.26 8.24
N ASP B 58 -3.14 11.54 7.87
CA ASP B 58 -4.04 11.99 6.81
C ASP B 58 -3.69 11.33 5.49
N GLU B 59 -2.42 11.41 5.10
CA GLU B 59 -1.99 10.86 3.83
C GLU B 59 -2.01 9.34 3.87
N ALA B 60 -1.84 8.78 5.05
CA ALA B 60 -1.85 7.34 5.22
C ALA B 60 -3.26 6.80 4.94
N ASN B 61 -4.24 7.53 5.44
CA ASN B 61 -5.64 7.18 5.25
C ASN B 61 -6.02 7.35 3.79
N LYS B 62 -5.61 8.49 3.23
CA LYS B 62 -5.89 8.81 1.83
C LYS B 62 -5.30 7.76 0.91
N LEU B 63 -4.09 7.30 1.22
CA LEU B 63 -3.43 6.31 0.40
C LEU B 63 -4.08 4.96 0.56
N ARG B 64 -4.51 4.65 1.79
CA ARG B 64 -5.23 3.41 2.06
C ARG B 64 -6.48 3.32 1.17
N VAL B 65 -7.17 4.44 1.02
CA VAL B 65 -8.39 4.50 0.23
C VAL B 65 -8.04 4.39 -1.25
N LEU B 66 -7.09 5.21 -1.66
CA LEU B 66 -6.63 5.28 -3.05
C LEU B 66 -6.17 3.91 -3.54
N PHE B 67 -5.32 3.29 -2.75
CA PHE B 67 -4.77 1.99 -3.08
C PHE B 67 -5.87 0.94 -3.11
N LYS B 68 -6.83 1.06 -2.21
CA LYS B 68 -7.94 0.13 -2.16
C LYS B 68 -8.83 0.29 -3.40
N GLU B 69 -8.91 1.50 -3.92
CA GLU B 69 -9.70 1.75 -5.12
C GLU B 69 -9.00 1.15 -6.33
N ALA B 70 -7.67 1.18 -6.29
CA ALA B 70 -6.86 0.61 -7.34
C ALA B 70 -6.98 -0.91 -7.32
N TRP B 71 -7.00 -1.45 -6.12
CA TRP B 71 -7.17 -2.88 -5.90
C TRP B 71 -8.56 -3.32 -6.37
N ARG B 72 -9.57 -2.50 -6.06
CA ARG B 72 -10.93 -2.78 -6.49
C ARG B 72 -11.05 -2.72 -8.01
N SER B 73 -10.33 -1.79 -8.62
CA SER B 73 -10.37 -1.64 -10.07
C SER B 73 -9.60 -2.76 -10.78
N SER B 74 -8.95 -3.62 -10.01
CA SER B 74 -8.20 -4.73 -10.56
C SER B 74 -9.11 -5.93 -10.80
N PHE B 75 -10.33 -5.83 -10.28
CA PHE B 75 -11.33 -6.87 -10.49
C PHE B 75 -12.33 -6.43 -11.54
N PRO A 31 8.00 13.77 8.42
CA PRO A 31 7.47 13.85 7.04
C PRO A 31 5.97 14.10 7.06
N SER A 32 5.48 14.84 6.07
CA SER A 32 4.05 15.11 5.95
C SER A 32 3.37 14.10 5.04
N GLY A 33 4.15 13.22 4.43
CA GLY A 33 3.59 12.14 3.64
C GLY A 33 3.51 12.43 2.16
N GLU A 34 4.67 12.41 1.50
CA GLU A 34 4.73 12.54 0.05
C GLU A 34 6.14 12.28 -0.45
N SER A 35 7.09 13.07 0.04
CA SER A 35 8.49 12.92 -0.34
C SER A 35 9.00 11.53 -0.02
N VAL A 36 8.60 10.99 1.13
CA VAL A 36 8.99 9.64 1.53
C VAL A 36 8.30 8.61 0.66
N VAL A 37 7.06 8.90 0.26
CA VAL A 37 6.29 7.98 -0.58
C VAL A 37 6.88 7.97 -1.98
N ALA A 38 7.63 9.00 -2.30
CA ALA A 38 8.24 9.15 -3.61
C ALA A 38 9.58 8.42 -3.69
N THR A 39 9.87 7.60 -2.69
CA THR A 39 11.17 6.94 -2.63
C THR A 39 11.02 5.47 -3.00
N GLU A 40 12.08 4.90 -3.55
CA GLU A 40 12.11 3.48 -3.86
C GLU A 40 12.07 2.69 -2.56
N ALA A 41 12.68 3.27 -1.52
CA ALA A 41 12.71 2.68 -0.20
C ALA A 41 11.30 2.48 0.37
N PHE A 42 10.43 3.46 0.16
CA PHE A 42 9.06 3.36 0.66
C PHE A 42 8.35 2.20 0.02
N TRP A 43 8.42 2.13 -1.30
CA TRP A 43 7.74 1.10 -2.06
C TRP A 43 8.37 -0.27 -1.82
N ASP A 44 9.65 -0.28 -1.51
CA ASP A 44 10.33 -1.52 -1.15
C ASP A 44 9.79 -2.06 0.16
N ASP A 45 9.69 -1.18 1.16
CA ASP A 45 9.15 -1.57 2.46
C ASP A 45 7.67 -1.92 2.34
N LEU A 46 6.97 -1.17 1.50
CA LEU A 46 5.55 -1.39 1.24
C LEU A 46 5.35 -2.80 0.68
N GLN A 47 6.16 -3.16 -0.31
CA GLN A 47 6.07 -4.48 -0.91
C GLN A 47 6.53 -5.54 0.08
N GLY A 48 7.49 -5.18 0.94
CA GLY A 48 7.94 -6.09 1.97
C GLY A 48 6.81 -6.46 2.92
N PHE A 49 6.01 -5.46 3.27
CA PHE A 49 4.86 -5.68 4.14
C PHE A 49 3.83 -6.53 3.41
N LEU A 50 3.70 -6.28 2.11
CA LEU A 50 2.77 -7.03 1.30
C LEU A 50 3.19 -8.48 1.17
N GLU A 51 4.50 -8.72 1.10
CA GLU A 51 5.03 -10.07 1.07
C GLU A 51 4.70 -10.81 2.35
N GLN A 52 4.94 -10.16 3.48
CA GLN A 52 4.70 -10.77 4.78
C GLN A 52 3.21 -11.00 5.03
N ARG A 53 2.38 -10.04 4.65
CA ARG A 53 0.95 -10.14 4.87
C ARG A 53 0.30 -11.14 3.91
N LEU A 54 0.61 -10.99 2.62
CA LEU A 54 -0.02 -11.79 1.58
C LEU A 54 0.60 -13.18 1.46
N LYS A 55 1.84 -13.30 1.92
CA LYS A 55 2.61 -14.53 1.77
C LYS A 55 2.85 -14.85 0.30
N ASP A 56 3.03 -13.82 -0.51
CA ASP A 56 3.19 -14.00 -1.95
C ASP A 56 3.93 -12.81 -2.56
N TYR A 57 5.09 -13.10 -3.14
CA TYR A 57 5.93 -12.08 -3.76
C TYR A 57 5.28 -11.48 -5.00
N ASP A 58 4.64 -12.33 -5.80
CA ASP A 58 4.10 -11.92 -7.09
C ASP A 58 3.01 -10.86 -6.91
N GLU A 59 2.05 -11.13 -6.05
CA GLU A 59 0.95 -10.22 -5.83
C GLU A 59 1.43 -8.99 -5.08
N ALA A 60 2.44 -9.17 -4.24
CA ALA A 60 2.98 -8.07 -3.47
C ALA A 60 3.64 -7.05 -4.39
N ASN A 61 4.31 -7.57 -5.40
CA ASN A 61 4.98 -6.73 -6.38
C ASN A 61 3.96 -6.02 -7.25
N LYS A 62 2.98 -6.78 -7.73
CA LYS A 62 1.94 -6.24 -8.60
C LYS A 62 1.14 -5.15 -7.88
N LEU A 63 0.92 -5.35 -6.59
CA LEU A 63 0.20 -4.38 -5.81
C LEU A 63 1.06 -3.15 -5.56
N ARG A 64 2.35 -3.37 -5.30
CA ARG A 64 3.29 -2.27 -5.14
C ARG A 64 3.26 -1.35 -6.36
N VAL A 65 3.20 -1.97 -7.54
CA VAL A 65 3.21 -1.23 -8.79
C VAL A 65 1.88 -0.51 -8.97
N LEU A 66 0.81 -1.26 -8.79
CA LEU A 66 -0.56 -0.75 -8.94
C LEU A 66 -0.81 0.44 -8.02
N PHE A 67 -0.43 0.27 -6.76
CA PHE A 67 -0.60 1.31 -5.75
C PHE A 67 0.25 2.51 -6.10
N LYS A 68 1.46 2.26 -6.62
CA LYS A 68 2.35 3.34 -7.00
C LYS A 68 1.78 4.12 -8.18
N GLU A 69 1.05 3.44 -9.05
CA GLU A 69 0.46 4.09 -10.21
C GLU A 69 -0.74 4.91 -9.77
N ALA A 70 -1.41 4.43 -8.73
CA ALA A 70 -2.52 5.15 -8.14
C ALA A 70 -2.01 6.40 -7.44
N TRP A 71 -0.90 6.25 -6.75
CA TRP A 71 -0.24 7.35 -6.08
C TRP A 71 0.24 8.38 -7.10
N ARG A 72 0.72 7.89 -8.23
CA ARG A 72 1.13 8.77 -9.32
C ARG A 72 -0.06 9.55 -9.86
N SER A 73 -1.24 8.92 -9.87
CA SER A 73 -2.45 9.57 -10.33
C SER A 73 -2.97 10.56 -9.29
N SER A 74 -2.38 10.53 -8.11
CA SER A 74 -2.76 11.43 -7.03
C SER A 74 -2.23 12.84 -7.30
N PHE A 75 -1.32 12.94 -8.27
CA PHE A 75 -0.74 14.22 -8.64
C PHE A 75 -1.43 14.76 -9.89
N PRO B 31 -1.67 -17.82 2.31
CA PRO B 31 -2.52 -17.04 1.38
C PRO B 31 -1.79 -16.81 0.06
N SER B 32 -2.54 -16.76 -1.03
CA SER B 32 -1.97 -16.49 -2.34
C SER B 32 -2.03 -14.99 -2.68
N GLY B 33 -2.66 -14.22 -1.81
CA GLY B 33 -2.66 -12.77 -1.99
C GLY B 33 -3.89 -12.24 -2.69
N GLU B 34 -5.02 -12.23 -1.98
CA GLU B 34 -6.25 -11.61 -2.49
C GLU B 34 -7.30 -11.57 -1.39
N SER B 35 -7.65 -12.74 -0.86
CA SER B 35 -8.65 -12.85 0.19
C SER B 35 -8.23 -12.03 1.41
N VAL B 36 -6.95 -12.06 1.74
CA VAL B 36 -6.42 -11.29 2.86
C VAL B 36 -6.43 -9.80 2.54
N VAL B 37 -6.19 -9.47 1.28
CA VAL B 37 -6.18 -8.07 0.85
C VAL B 37 -7.59 -7.52 0.85
N ALA B 38 -8.56 -8.43 0.83
CA ALA B 38 -9.96 -8.07 0.80
C ALA B 38 -10.50 -7.84 2.20
N THR B 39 -9.62 -7.76 3.19
CA THR B 39 -10.05 -7.64 4.57
C THR B 39 -9.81 -6.22 5.07
N GLU B 40 -10.64 -5.81 6.01
CA GLU B 40 -10.47 -4.51 6.64
C GLU B 40 -9.18 -4.51 7.44
N ALA B 41 -8.85 -5.68 7.98
CA ALA B 41 -7.63 -5.89 8.75
C ALA B 41 -6.38 -5.59 7.92
N PHE B 42 -6.39 -6.03 6.66
CA PHE B 42 -5.24 -5.79 5.78
C PHE B 42 -5.02 -4.30 5.59
N TRP B 43 -6.08 -3.61 5.24
CA TRP B 43 -6.01 -2.18 4.96
C TRP B 43 -5.74 -1.39 6.22
N ASP B 44 -6.17 -1.91 7.37
CA ASP B 44 -5.86 -1.28 8.64
C ASP B 44 -4.37 -1.36 8.92
N ASP B 45 -3.78 -2.54 8.74
CA ASP B 45 -2.36 -2.73 8.93
C ASP B 45 -1.56 -1.95 7.89
N LEU B 46 -2.10 -1.92 6.68
CA LEU B 46 -1.49 -1.18 5.57
C LEU B 46 -1.40 0.30 5.92
N GLN B 47 -2.51 0.86 6.42
CA GLN B 47 -2.53 2.24 6.81
C GLN B 47 -1.67 2.47 8.05
N GLY B 48 -1.60 1.46 8.91
CA GLY B 48 -0.74 1.53 10.07
C GLY B 48 0.71 1.68 9.68
N PHE B 49 1.12 0.94 8.66
CA PHE B 49 2.47 1.02 8.14
C PHE B 49 2.69 2.39 7.50
N LEU B 50 1.66 2.88 6.83
CA LEU B 50 1.73 4.18 6.19
C LEU B 50 1.84 5.29 7.22
N GLU B 51 1.18 5.13 8.36
CA GLU B 51 1.28 6.09 9.45
C GLU B 51 2.71 6.14 9.99
N GLN B 52 3.27 4.96 10.23
CA GLN B 52 4.63 4.86 10.78
C GLN B 52 5.68 5.37 9.80
N ARG B 53 5.51 5.05 8.53
CA ARG B 53 6.47 5.44 7.51
C ARG B 53 6.35 6.92 7.16
N LEU B 54 5.12 7.36 6.90
CA LEU B 54 4.87 8.73 6.46
C LEU B 54 4.86 9.73 7.60
N LYS B 55 4.61 9.23 8.81
CA LYS B 55 4.46 10.06 10.00
C LYS B 55 3.27 11.00 9.85
N ASP B 56 2.21 10.52 9.21
CA ASP B 56 1.04 11.34 8.95
C ASP B 56 -0.19 10.46 8.74
N TYR B 57 -1.17 10.65 9.60
CA TYR B 57 -2.42 9.88 9.56
C TYR B 57 -3.25 10.22 8.32
N ASP B 58 -3.30 11.50 7.99
CA ASP B 58 -4.15 11.98 6.91
C ASP B 58 -3.78 11.36 5.57
N GLU B 59 -2.49 11.43 5.23
CA GLU B 59 -2.02 10.92 3.97
C GLU B 59 -2.04 9.39 3.98
N ALA B 60 -1.85 8.81 5.15
CA ALA B 60 -1.85 7.37 5.31
C ALA B 60 -3.24 6.81 5.00
N ASN B 61 -4.25 7.54 5.46
CA ASN B 61 -5.63 7.17 5.25
C ASN B 61 -6.00 7.33 3.78
N LYS B 62 -5.65 8.48 3.22
CA LYS B 62 -5.95 8.79 1.83
C LYS B 62 -5.29 7.79 0.89
N LEU B 63 -4.08 7.36 1.24
CA LEU B 63 -3.37 6.38 0.44
C LEU B 63 -4.01 5.01 0.59
N ARG B 64 -4.41 4.68 1.81
CA ARG B 64 -5.11 3.42 2.07
C ARG B 64 -6.34 3.31 1.18
N VAL B 65 -7.06 4.42 1.04
CA VAL B 65 -8.28 4.45 0.26
C VAL B 65 -7.94 4.35 -1.23
N LEU B 66 -7.01 5.20 -1.63
CA LEU B 66 -6.57 5.26 -3.02
C LEU B 66 -6.07 3.91 -3.51
N PHE B 67 -5.21 3.29 -2.71
CA PHE B 67 -4.65 2.00 -3.04
C PHE B 67 -5.73 0.94 -3.07
N LYS B 68 -6.70 1.05 -2.17
CA LYS B 68 -7.80 0.10 -2.13
C LYS B 68 -8.67 0.24 -3.37
N GLU B 69 -8.78 1.44 -3.89
CA GLU B 69 -9.58 1.68 -5.09
C GLU B 69 -8.85 1.16 -6.30
N ALA B 70 -7.53 1.21 -6.24
CA ALA B 70 -6.69 0.67 -7.30
C ALA B 70 -6.79 -0.84 -7.29
N TRP B 71 -6.78 -1.41 -6.09
CA TRP B 71 -6.93 -2.85 -5.89
C TRP B 71 -8.30 -3.30 -6.36
N ARG B 72 -9.31 -2.47 -6.12
CA ARG B 72 -10.66 -2.76 -6.60
C ARG B 72 -10.69 -2.75 -8.13
N SER B 73 -9.89 -1.90 -8.73
CA SER B 73 -9.81 -1.81 -10.19
C SER B 73 -9.02 -3.00 -10.75
N SER B 74 -8.37 -3.75 -9.87
CA SER B 74 -7.60 -4.91 -10.27
C SER B 74 -8.51 -6.07 -10.64
N PHE B 75 -9.79 -5.94 -10.29
CA PHE B 75 -10.78 -6.95 -10.60
C PHE B 75 -11.59 -6.55 -11.82
#